data_2EO8
#
_entry.id   2EO8
#
_cell.length_a   47.636
_cell.length_b   104.423
_cell.length_c   104.267
_cell.angle_alpha   90.00
_cell.angle_beta   95.27
_cell.angle_gamma   90.00
#
_symmetry.space_group_name_H-M   'P 1 21 1'
#
loop_
_entity.id
_entity.type
_entity.pdbx_description
1 polymer 'Pyrrolidone-carboxylate peptidase'
2 water water
#
_entity_poly.entity_id   1
_entity_poly.type   'polypeptide(L)'
_entity_poly.pdbx_seq_one_letter_code
;MKVLVTGFEPFGGEKINPTERIAKDLDGIKIGDAQVFGRVLPVVFGKAKEVLEKTLEEIKPDIAIHVGLAPGRSAISIER
IAVNAIDARIPDNEGKKIEDEPIVPGAPTAYFSTLPIKKIMKKLHERGIPAYISNSAGLYLSNYVMYLSLHHSATKGYPK
MSGFIHVPYIPEQIIDKIGKGQVPPSMSYEMELEAVKVPIEVALEELL
;
_entity_poly.pdbx_strand_id   A,B,C,D
#
# COMPACT_ATOMS: atom_id res chain seq x y z
N MET A 1 -0.16 -32.58 28.37
CA MET A 1 -0.69 -31.41 27.60
C MET A 1 -0.88 -31.74 26.14
N LYS A 2 -1.98 -31.22 25.59
CA LYS A 2 -2.35 -31.44 24.20
C LYS A 2 -2.63 -30.13 23.45
N VAL A 3 -2.03 -30.01 22.28
CA VAL A 3 -2.17 -28.83 21.45
C VAL A 3 -2.76 -29.19 20.10
N LEU A 4 -3.84 -28.51 19.73
CA LEU A 4 -4.38 -28.56 18.39
C LEU A 4 -3.88 -27.34 17.61
N VAL A 5 -3.27 -27.61 16.46
CA VAL A 5 -2.99 -26.62 15.44
C VAL A 5 -3.89 -26.92 14.24
N THR A 6 -4.60 -25.91 13.73
CA THR A 6 -5.27 -26.06 12.45
C THR A 6 -4.72 -25.15 11.34
N GLY A 7 -4.80 -25.64 10.11
CA GLY A 7 -4.55 -24.83 8.91
C GLY A 7 -5.73 -24.99 7.97
N PHE A 8 -5.68 -24.32 6.82
CA PHE A 8 -6.76 -24.36 5.83
C PHE A 8 -6.25 -24.88 4.51
N GLU A 9 -7.16 -25.47 3.75
CA GLU A 9 -6.92 -25.84 2.36
C GLU A 9 -6.78 -24.57 1.45
N PRO A 10 -6.28 -24.75 0.20
CA PRO A 10 -6.24 -23.66 -0.77
C PRO A 10 -7.61 -23.05 -1.05
N PHE A 11 -7.65 -21.76 -1.33
CA PHE A 11 -8.91 -21.06 -1.61
C PHE A 11 -8.65 -19.84 -2.48
N GLY A 12 -9.74 -19.25 -2.96
CA GLY A 12 -9.69 -17.99 -3.72
C GLY A 12 -8.87 -18.12 -4.97
N GLY A 13 -8.85 -19.33 -5.53
CA GLY A 13 -8.07 -19.61 -6.74
C GLY A 13 -6.58 -19.84 -6.51
N GLU A 14 -6.15 -19.85 -5.25
CA GLU A 14 -4.74 -20.13 -4.96
C GLU A 14 -4.41 -21.61 -5.11
N LYS A 15 -3.24 -21.89 -5.67
CA LYS A 15 -2.75 -23.25 -5.83
C LYS A 15 -2.44 -23.85 -4.46
N ILE A 16 -1.91 -23.03 -3.54
CA ILE A 16 -1.53 -23.55 -2.24
C ILE A 16 -2.04 -22.71 -1.07
N ASN A 17 -2.07 -23.35 0.10
CA ASN A 17 -2.24 -22.64 1.35
C ASN A 17 -1.10 -23.04 2.28
N PRO A 18 -0.20 -22.09 2.60
CA PRO A 18 0.94 -22.42 3.42
C PRO A 18 0.56 -22.98 4.80
N THR A 19 -0.66 -22.70 5.25
CA THR A 19 -1.15 -23.19 6.54
C THR A 19 -1.61 -24.65 6.46
N GLU A 20 -1.91 -25.11 5.25
CA GLU A 20 -2.13 -26.53 5.06
C GLU A 20 -0.83 -27.28 5.34
N ARG A 21 0.26 -26.79 4.78
CA ARG A 21 1.58 -27.39 4.97
C ARG A 21 2.08 -27.24 6.41
N ILE A 22 1.81 -26.10 7.05
CA ILE A 22 2.14 -25.91 8.48
C ILE A 22 1.46 -26.94 9.39
N ALA A 23 0.15 -27.16 9.17
CA ALA A 23 -0.61 -28.10 10.00
C ALA A 23 -0.09 -29.55 9.81
N LYS A 24 0.26 -29.91 8.58
CA LYS A 24 0.87 -31.22 8.27
C LYS A 24 2.26 -31.42 8.87
N ASP A 25 3.04 -30.35 8.95
CA ASP A 25 4.38 -30.43 9.52
C ASP A 25 4.36 -30.50 11.05
N LEU A 26 3.32 -29.98 11.65
CA LEU A 26 3.22 -29.95 13.09
C LEU A 26 2.47 -31.15 13.66
N ASP A 27 1.74 -31.86 12.79
CA ASP A 27 0.91 -32.99 13.23
C ASP A 27 1.79 -34.11 13.75
N GLY A 28 1.58 -34.47 15.01
CA GLY A 28 2.29 -35.59 15.61
C GLY A 28 3.59 -35.24 16.31
N ILE A 29 4.04 -33.99 16.22
CA ILE A 29 5.27 -33.58 16.88
C ILE A 29 5.07 -33.40 18.39
N LYS A 30 6.16 -33.38 19.13
CA LYS A 30 6.11 -33.07 20.55
C LYS A 30 6.93 -31.84 20.83
N ILE A 31 6.37 -30.98 21.68
CA ILE A 31 7.07 -29.83 22.22
C ILE A 31 7.30 -30.13 23.70
N GLY A 32 8.50 -30.61 24.01
CA GLY A 32 8.76 -31.12 25.35
C GLY A 32 7.88 -32.34 25.51
N ASP A 33 7.03 -32.30 26.53
CA ASP A 33 6.14 -33.41 26.83
C ASP A 33 4.76 -33.22 26.20
N ALA A 34 4.53 -32.05 25.60
CA ALA A 34 3.25 -31.71 24.99
C ALA A 34 3.09 -32.35 23.63
N GLN A 35 1.96 -32.98 23.42
CA GLN A 35 1.64 -33.60 22.15
C GLN A 35 0.86 -32.64 21.26
N VAL A 36 1.34 -32.46 20.02
CA VAL A 36 0.72 -31.57 19.05
C VAL A 36 -0.06 -32.39 18.01
N PHE A 37 -1.22 -31.88 17.61
CA PHE A 37 -2.07 -32.50 16.60
C PHE A 37 -2.30 -31.44 15.56
N GLY A 38 -2.04 -31.76 14.29
CA GLY A 38 -2.27 -30.80 13.22
C GLY A 38 -3.36 -31.29 12.29
N ARG A 39 -4.34 -30.43 12.01
CA ARG A 39 -5.51 -30.79 11.23
C ARG A 39 -5.80 -29.70 10.25
N VAL A 40 -6.06 -30.09 9.01
CA VAL A 40 -6.33 -29.14 7.95
C VAL A 40 -7.83 -29.00 7.83
N LEU A 41 -8.31 -27.77 7.78
CA LEU A 41 -9.74 -27.51 7.70
C LEU A 41 -10.13 -27.08 6.29
N PRO A 42 -11.36 -27.45 5.86
CA PRO A 42 -11.94 -26.98 4.61
C PRO A 42 -12.30 -25.50 4.69
N VAL A 43 -12.16 -24.78 3.58
CA VAL A 43 -12.60 -23.38 3.54
C VAL A 43 -14.07 -23.38 3.12
N VAL A 44 -14.88 -23.98 3.99
CA VAL A 44 -16.31 -24.18 3.73
C VAL A 44 -17.11 -23.92 5.02
N PHE A 45 -18.00 -22.90 4.97
CA PHE A 45 -18.90 -22.62 6.09
C PHE A 45 -19.80 -23.84 6.30
N GLY A 46 -20.10 -24.15 7.56
CA GLY A 46 -20.91 -25.31 7.90
C GLY A 46 -19.99 -26.50 8.09
N LYS A 47 -19.47 -27.01 6.99
CA LYS A 47 -18.51 -28.13 7.04
C LYS A 47 -17.31 -27.86 7.96
N ALA A 48 -16.68 -26.68 7.86
CA ALA A 48 -15.58 -26.33 8.77
C ALA A 48 -15.98 -26.44 10.25
N LYS A 49 -17.19 -25.99 10.58
CA LYS A 49 -17.71 -26.06 11.93
C LYS A 49 -17.87 -27.50 12.41
N GLU A 50 -18.46 -28.37 11.57
CA GLU A 50 -18.64 -29.78 11.88
C GLU A 50 -17.27 -30.44 12.10
N VAL A 51 -16.34 -30.22 11.19
CA VAL A 51 -14.97 -30.74 11.34
C VAL A 51 -14.28 -30.20 12.61
N LEU A 52 -14.35 -28.89 12.84
CA LEU A 52 -13.69 -28.26 14.01
C LEU A 52 -14.22 -28.81 15.35
N GLU A 53 -15.55 -28.82 15.48
CA GLU A 53 -16.16 -29.25 16.74
C GLU A 53 -15.93 -30.74 17.03
N LYS A 54 -15.98 -31.57 16.00
CA LYS A 54 -15.69 -33.01 16.12
C LYS A 54 -14.23 -33.25 16.57
N THR A 55 -13.30 -32.56 15.92
CA THR A 55 -11.90 -32.57 16.26
C THR A 55 -11.64 -32.09 17.69
N LEU A 56 -12.31 -31.01 18.08
CA LEU A 56 -12.19 -30.52 19.45
C LEU A 56 -12.62 -31.56 20.48
N GLU A 57 -13.76 -32.21 20.24
CA GLU A 57 -14.30 -33.21 21.16
C GLU A 57 -13.44 -34.47 21.17
N GLU A 58 -12.93 -34.84 19.98
CA GLU A 58 -12.06 -36.01 19.80
C GLU A 58 -10.77 -35.86 20.62
N ILE A 59 -10.07 -34.76 20.42
CA ILE A 59 -8.77 -34.53 21.03
C ILE A 59 -8.86 -33.89 22.42
N LYS A 60 -9.81 -32.97 22.60
CA LYS A 60 -9.89 -32.17 23.82
C LYS A 60 -8.55 -31.48 24.12
N PRO A 61 -8.07 -30.63 23.19
CA PRO A 61 -6.77 -30.02 23.46
C PRO A 61 -6.86 -29.02 24.60
N ASP A 62 -5.71 -28.78 25.23
CA ASP A 62 -5.58 -27.73 26.22
C ASP A 62 -5.42 -26.37 25.56
N ILE A 63 -4.79 -26.36 24.38
CA ILE A 63 -4.44 -25.15 23.64
C ILE A 63 -4.86 -25.44 22.21
N ALA A 64 -5.49 -24.44 21.57
CA ALA A 64 -5.81 -24.51 20.15
C ALA A 64 -5.25 -23.28 19.46
N ILE A 65 -4.36 -23.48 18.49
CA ILE A 65 -3.85 -22.40 17.65
C ILE A 65 -4.39 -22.65 16.25
N HIS A 66 -5.23 -21.73 15.76
CA HIS A 66 -5.75 -21.78 14.40
C HIS A 66 -4.98 -20.84 13.49
N VAL A 67 -4.56 -21.35 12.33
CA VAL A 67 -3.69 -20.62 11.44
C VAL A 67 -4.38 -20.42 10.12
N GLY A 68 -4.21 -19.24 9.52
CA GLY A 68 -4.83 -18.97 8.24
C GLY A 68 -3.97 -18.03 7.41
N LEU A 69 -4.20 -18.01 6.11
CA LEU A 69 -3.48 -17.15 5.16
C LEU A 69 -4.17 -15.80 5.12
N ALA A 70 -3.38 -14.73 5.18
CA ALA A 70 -3.93 -13.39 5.01
C ALA A 70 -3.22 -12.68 3.86
N PRO A 71 -3.75 -12.84 2.63
CA PRO A 71 -3.18 -12.24 1.43
C PRO A 71 -2.95 -10.74 1.61
N GLY A 72 -1.73 -10.29 1.38
CA GLY A 72 -1.42 -8.85 1.38
C GLY A 72 -0.82 -8.36 2.68
N ARG A 73 -0.86 -9.20 3.71
CA ARG A 73 -0.24 -8.89 4.99
C ARG A 73 1.25 -9.19 4.93
N SER A 74 2.02 -8.33 5.56
CA SER A 74 3.48 -8.29 5.38
C SER A 74 4.23 -8.95 6.54
N ALA A 75 3.54 -9.16 7.66
CA ALA A 75 4.13 -9.80 8.84
C ALA A 75 3.12 -10.78 9.45
N ILE A 76 3.58 -11.58 10.40
CA ILE A 76 2.73 -12.43 11.24
C ILE A 76 1.74 -11.53 12.01
N SER A 77 0.47 -11.93 12.01
CA SER A 77 -0.49 -11.21 12.81
C SER A 77 -1.18 -12.15 13.80
N ILE A 78 -1.32 -11.66 15.03
CA ILE A 78 -1.95 -12.42 16.10
C ILE A 78 -3.28 -11.72 16.34
N GLU A 79 -4.35 -12.53 16.25
CA GLU A 79 -5.70 -12.01 16.29
C GLU A 79 -6.14 -11.79 17.72
N ARG A 80 -6.62 -10.59 17.99
CA ARG A 80 -7.11 -10.19 19.31
C ARG A 80 -8.56 -10.64 19.57
N ILE A 81 -9.41 -10.54 18.56
CA ILE A 81 -10.87 -10.63 18.75
C ILE A 81 -11.45 -11.54 17.69
N ALA A 82 -12.40 -12.36 18.11
CA ALA A 82 -13.26 -13.05 17.16
C ALA A 82 -14.65 -12.43 17.24
N VAL A 83 -15.29 -12.30 16.08
CA VAL A 83 -16.57 -11.58 15.94
C VAL A 83 -17.71 -12.54 15.53
N ASN A 84 -18.85 -12.42 16.19
CA ASN A 84 -20.00 -13.30 15.89
C ASN A 84 -20.72 -12.90 14.59
N ALA A 85 -20.03 -12.98 13.46
CA ALA A 85 -20.63 -12.59 12.20
C ALA A 85 -19.94 -13.25 11.03
N ILE A 86 -20.73 -13.51 10.00
CA ILE A 86 -20.25 -13.91 8.70
C ILE A 86 -20.67 -12.85 7.70
N ASP A 87 -19.68 -12.27 7.02
CA ASP A 87 -19.95 -11.44 5.86
C ASP A 87 -18.84 -11.70 4.86
N ALA A 88 -19.05 -12.73 4.04
CA ALA A 88 -18.04 -13.28 3.15
C ALA A 88 -17.79 -12.37 1.96
N ARG A 89 -16.54 -11.97 1.81
CA ARG A 89 -16.08 -11.08 0.75
C ARG A 89 -16.03 -11.80 -0.59
N ILE A 90 -15.72 -13.09 -0.54
CA ILE A 90 -15.72 -13.99 -1.69
C ILE A 90 -16.51 -15.23 -1.25
N PRO A 91 -16.98 -16.07 -2.20
CA PRO A 91 -17.61 -17.32 -1.76
C PRO A 91 -16.62 -18.25 -1.07
N ASP A 92 -17.13 -19.17 -0.25
CA ASP A 92 -16.29 -20.26 0.23
C ASP A 92 -16.05 -21.27 -0.90
N ASN A 93 -15.32 -22.34 -0.59
CA ASN A 93 -14.96 -23.33 -1.61
C ASN A 93 -16.13 -24.16 -2.18
N GLU A 94 -17.33 -24.01 -1.61
CA GLU A 94 -18.52 -24.59 -2.22
C GLU A 94 -19.47 -23.52 -2.81
N GLY A 95 -18.94 -22.33 -3.03
CA GLY A 95 -19.67 -21.24 -3.66
C GLY A 95 -20.57 -20.43 -2.74
N LYS A 96 -20.52 -20.68 -1.42
CA LYS A 96 -21.42 -20.01 -0.49
C LYS A 96 -20.89 -18.65 -0.03
N LYS A 97 -21.59 -17.60 -0.43
CA LYS A 97 -21.25 -16.24 -0.04
C LYS A 97 -22.33 -15.74 0.91
N ILE A 98 -22.07 -15.89 2.21
CA ILE A 98 -23.02 -15.55 3.27
C ILE A 98 -22.73 -14.15 3.77
N GLU A 99 -23.78 -13.36 3.87
CA GLU A 99 -23.65 -11.93 4.19
C GLU A 99 -24.49 -11.54 5.38
N ASP A 100 -23.84 -10.97 6.39
CA ASP A 100 -24.51 -10.43 7.59
C ASP A 100 -25.38 -11.44 8.33
N GLU A 101 -24.75 -12.55 8.73
CA GLU A 101 -25.39 -13.61 9.47
C GLU A 101 -24.58 -13.84 10.74
N PRO A 102 -25.25 -14.15 11.88
CA PRO A 102 -24.51 -14.62 13.06
C PRO A 102 -23.79 -15.96 12.82
N ILE A 103 -22.68 -16.19 13.53
CA ILE A 103 -22.10 -17.52 13.55
C ILE A 103 -22.88 -18.38 14.55
N VAL A 104 -23.11 -17.86 15.75
CA VAL A 104 -23.94 -18.55 16.74
C VAL A 104 -24.98 -17.58 17.26
N PRO A 105 -26.26 -17.76 16.85
CA PRO A 105 -27.33 -16.84 17.30
C PRO A 105 -27.47 -16.83 18.82
N GLY A 106 -27.54 -15.63 19.41
CA GLY A 106 -27.66 -15.49 20.86
C GLY A 106 -26.37 -15.55 21.67
N ALA A 107 -25.25 -15.93 21.05
CA ALA A 107 -23.97 -15.96 21.75
C ALA A 107 -23.33 -14.55 21.72
N PRO A 108 -22.29 -14.29 22.56
CA PRO A 108 -21.65 -12.96 22.56
C PRO A 108 -21.23 -12.45 21.20
N THR A 109 -21.43 -11.15 20.96
CA THR A 109 -20.99 -10.46 19.75
C THR A 109 -19.49 -10.68 19.42
N ALA A 110 -18.66 -10.75 20.46
CA ALA A 110 -17.25 -11.08 20.28
C ALA A 110 -16.68 -11.88 21.44
N TYR A 111 -15.56 -12.54 21.18
CA TYR A 111 -14.71 -13.15 22.20
C TYR A 111 -13.29 -12.63 22.02
N PHE A 112 -12.59 -12.35 23.11
CA PHE A 112 -11.19 -12.05 23.06
C PHE A 112 -10.38 -13.36 22.95
N SER A 113 -9.32 -13.35 22.15
CA SER A 113 -8.37 -14.46 22.17
C SER A 113 -7.83 -14.68 23.59
N THR A 114 -7.72 -15.93 24.00
CA THR A 114 -7.17 -16.26 25.32
C THR A 114 -5.70 -16.73 25.25
N LEU A 115 -5.10 -16.69 24.06
CA LEU A 115 -3.65 -16.80 23.96
C LEU A 115 -3.00 -15.58 24.66
N PRO A 116 -1.78 -15.74 25.19
CA PRO A 116 -1.06 -14.57 25.69
C PRO A 116 -0.49 -13.79 24.52
N ILE A 117 -1.33 -13.00 23.86
CA ILE A 117 -1.00 -12.38 22.56
C ILE A 117 0.23 -11.45 22.59
N LYS A 118 0.39 -10.66 23.65
CA LYS A 118 1.52 -9.73 23.79
C LYS A 118 2.86 -10.44 24.05
N LYS A 119 2.85 -11.46 24.93
CA LYS A 119 4.04 -12.27 25.15
C LYS A 119 4.46 -13.06 23.91
N ILE A 120 3.48 -13.59 23.17
CA ILE A 120 3.74 -14.19 21.86
C ILE A 120 4.43 -13.19 20.91
N MET A 121 3.86 -11.99 20.79
CA MET A 121 4.45 -10.95 19.94
C MET A 121 5.90 -10.60 20.35
N LYS A 122 6.10 -10.40 21.66
CA LYS A 122 7.41 -10.09 22.21
C LYS A 122 8.44 -11.21 21.91
N LYS A 123 8.04 -12.46 22.13
CA LYS A 123 8.86 -13.62 21.80
C LYS A 123 9.22 -13.74 20.31
N LEU A 124 8.24 -13.51 19.44
CA LEU A 124 8.49 -13.51 17.99
C LEU A 124 9.49 -12.43 17.61
N HIS A 125 9.33 -11.23 18.18
CA HIS A 125 10.28 -10.15 17.93
C HIS A 125 11.72 -10.52 18.29
N GLU A 126 11.92 -11.11 19.47
CA GLU A 126 13.28 -11.42 19.89
C GLU A 126 13.87 -12.60 19.12
N ARG A 127 13.00 -13.28 18.39
CA ARG A 127 13.34 -14.35 17.46
C ARG A 127 13.54 -13.82 16.02
N GLY A 128 13.47 -12.50 15.84
CA GLY A 128 13.67 -11.87 14.54
C GLY A 128 12.52 -12.02 13.53
N ILE A 129 11.31 -12.26 14.05
CA ILE A 129 10.11 -12.52 13.24
C ILE A 129 9.14 -11.35 13.37
N PRO A 130 9.02 -10.52 12.31
CA PRO A 130 8.06 -9.41 12.36
C PRO A 130 6.64 -9.90 12.67
N ALA A 131 6.04 -9.31 13.70
CA ALA A 131 4.73 -9.74 14.18
C ALA A 131 4.02 -8.54 14.75
N TYR A 132 2.70 -8.48 14.56
CA TYR A 132 1.88 -7.46 15.20
C TYR A 132 0.54 -8.02 15.64
N ILE A 133 -0.19 -7.22 16.43
CA ILE A 133 -1.55 -7.57 16.83
C ILE A 133 -2.59 -7.02 15.85
N SER A 134 -3.38 -7.93 15.29
CA SER A 134 -4.48 -7.58 14.38
C SER A 134 -5.76 -7.54 15.18
N ASN A 135 -6.58 -6.51 14.92
CA ASN A 135 -7.84 -6.30 15.61
C ASN A 135 -9.06 -6.78 14.80
N SER A 136 -8.82 -7.29 13.60
CA SER A 136 -9.88 -7.97 12.81
C SER A 136 -9.32 -9.13 12.03
N ALA A 137 -9.95 -10.29 12.21
CA ALA A 137 -9.59 -11.52 11.52
C ALA A 137 -10.38 -11.70 10.20
N GLY A 138 -10.94 -10.60 9.71
CA GLY A 138 -11.93 -10.64 8.62
C GLY A 138 -13.25 -11.21 9.11
N LEU A 139 -14.18 -11.46 8.18
CA LEU A 139 -15.45 -12.13 8.55
C LEU A 139 -15.72 -13.32 7.62
N TYR A 140 -14.64 -14.00 7.24
CA TYR A 140 -14.68 -15.15 6.33
C TYR A 140 -14.37 -16.38 7.18
N LEU A 141 -13.65 -17.37 6.66
CA LEU A 141 -13.39 -18.63 7.37
C LEU A 141 -12.48 -18.59 8.60
N SER A 142 -11.44 -17.77 8.54
CA SER A 142 -10.55 -17.61 9.70
C SER A 142 -11.31 -17.15 10.96
N ASN A 143 -12.06 -16.05 10.83
CA ASN A 143 -12.79 -15.49 11.96
C ASN A 143 -13.87 -16.48 12.46
N TYR A 144 -14.51 -17.13 11.50
CA TYR A 144 -15.53 -18.16 11.72
C TYR A 144 -14.97 -19.20 12.66
N VAL A 145 -13.84 -19.77 12.27
CA VAL A 145 -13.15 -20.80 13.04
C VAL A 145 -12.60 -20.27 14.39
N MET A 146 -12.07 -19.06 14.38
CA MET A 146 -11.57 -18.44 15.59
C MET A 146 -12.71 -18.29 16.60
N TYR A 147 -13.85 -17.79 16.13
CA TYR A 147 -15.01 -17.58 17.00
C TYR A 147 -15.54 -18.89 17.56
N LEU A 148 -15.78 -19.87 16.69
CA LEU A 148 -16.28 -21.19 17.12
C LEU A 148 -15.37 -21.86 18.17
N SER A 149 -14.07 -21.70 17.99
CA SER A 149 -13.08 -22.25 18.94
C SER A 149 -13.18 -21.57 20.32
N LEU A 150 -13.17 -20.24 20.33
CA LEU A 150 -13.36 -19.46 21.56
C LEU A 150 -14.74 -19.70 22.17
N HIS A 151 -15.76 -19.88 21.34
CA HIS A 151 -17.09 -20.26 21.83
C HIS A 151 -17.12 -21.61 22.55
N HIS A 152 -16.47 -22.62 21.97
CA HIS A 152 -16.29 -23.94 22.56
C HIS A 152 -15.57 -23.86 23.90
N SER A 153 -14.52 -23.05 23.94
CA SER A 153 -13.82 -22.83 25.20
C SER A 153 -14.72 -22.26 26.33
N ALA A 154 -15.48 -21.21 26.02
CA ALA A 154 -16.29 -20.50 27.02
C ALA A 154 -17.47 -21.34 27.49
N THR A 155 -17.83 -22.30 26.67
CA THR A 155 -19.08 -23.01 26.76
C THR A 155 -18.80 -24.45 27.29
N LYS A 156 -17.67 -25.03 26.89
CA LYS A 156 -17.31 -26.39 27.30
C LYS A 156 -16.15 -26.44 28.27
N GLY A 157 -15.41 -25.35 28.43
CA GLY A 157 -14.28 -25.33 29.39
C GLY A 157 -12.96 -25.85 28.82
N TYR A 158 -12.95 -26.19 27.53
CA TYR A 158 -11.73 -26.57 26.85
C TYR A 158 -11.89 -26.18 25.38
N PRO A 159 -10.80 -25.82 24.68
CA PRO A 159 -9.42 -25.56 25.14
C PRO A 159 -9.31 -24.51 26.26
N LYS A 160 -8.29 -24.61 27.09
CA LYS A 160 -8.02 -23.53 28.05
C LYS A 160 -7.62 -22.23 27.33
N MET A 161 -6.81 -22.37 26.28
CA MET A 161 -6.34 -21.25 25.47
C MET A 161 -6.69 -21.48 24.00
N SER A 162 -7.14 -20.40 23.34
CA SER A 162 -7.57 -20.48 21.95
C SER A 162 -7.30 -19.14 21.26
N GLY A 163 -6.88 -19.22 20.00
CA GLY A 163 -6.55 -18.03 19.26
C GLY A 163 -6.19 -18.31 17.82
N PHE A 164 -5.78 -17.26 17.11
CA PHE A 164 -5.61 -17.32 15.68
C PHE A 164 -4.35 -16.55 15.23
N ILE A 165 -3.57 -17.19 14.35
CA ILE A 165 -2.39 -16.58 13.75
C ILE A 165 -2.62 -16.49 12.25
N HIS A 166 -2.49 -15.31 11.68
CA HIS A 166 -2.50 -15.13 10.23
C HIS A 166 -1.09 -14.98 9.66
N VAL A 167 -0.85 -15.60 8.49
CA VAL A 167 0.44 -15.55 7.83
C VAL A 167 0.38 -14.88 6.44
N PRO A 168 1.48 -14.21 6.04
CA PRO A 168 1.54 -13.71 4.66
C PRO A 168 1.57 -14.84 3.63
N TYR A 169 1.42 -14.47 2.36
CA TYR A 169 1.79 -15.36 1.27
C TYR A 169 3.22 -15.87 1.52
N ILE A 170 3.53 -17.08 1.05
CA ILE A 170 4.95 -17.46 0.97
C ILE A 170 5.49 -17.06 -0.41
N PRO A 171 6.81 -16.77 -0.51
CA PRO A 171 7.35 -16.20 -1.76
C PRO A 171 6.95 -16.90 -3.07
N GLU A 172 6.81 -18.23 -3.08
CA GLU A 172 6.43 -18.92 -4.32
C GLU A 172 5.05 -18.50 -4.83
N GLN A 173 4.16 -18.14 -3.90
CA GLN A 173 2.80 -17.73 -4.24
C GLN A 173 2.75 -16.39 -4.99
N ILE A 174 3.87 -15.67 -4.98
CA ILE A 174 3.93 -14.33 -5.57
C ILE A 174 4.28 -14.39 -7.07
N ILE A 175 4.98 -15.44 -7.47
CA ILE A 175 5.48 -15.57 -8.83
C ILE A 175 4.42 -15.28 -9.90
N ASP A 176 3.31 -16.01 -9.91
CA ASP A 176 2.26 -15.79 -10.94
C ASP A 176 1.58 -14.41 -10.86
N LYS A 177 1.78 -13.69 -9.77
CA LYS A 177 1.10 -12.40 -9.58
C LYS A 177 1.90 -11.23 -10.13
N ILE A 178 3.13 -11.50 -10.54
CA ILE A 178 4.06 -10.45 -10.94
C ILE A 178 3.70 -9.86 -12.30
N GLY A 179 3.25 -10.70 -13.22
CA GLY A 179 2.62 -10.17 -14.44
C GLY A 179 1.61 -9.05 -14.16
N LYS A 180 0.57 -9.38 -13.38
CA LYS A 180 -0.60 -8.50 -13.22
C LYS A 180 -0.48 -7.39 -12.18
N GLY A 181 0.66 -6.70 -12.15
CA GLY A 181 0.76 -5.45 -11.38
C GLY A 181 1.11 -5.58 -9.90
N GLN A 182 0.10 -5.43 -9.04
CA GLN A 182 0.29 -5.44 -7.58
C GLN A 182 1.23 -6.58 -7.16
N VAL A 183 2.31 -6.24 -6.44
CA VAL A 183 3.21 -7.28 -5.91
C VAL A 183 3.14 -7.35 -4.38
N PRO A 184 2.33 -8.30 -3.86
CA PRO A 184 2.06 -8.54 -2.46
C PRO A 184 3.30 -8.93 -1.65
N PRO A 185 3.32 -8.54 -0.36
CA PRO A 185 4.36 -9.02 0.53
C PRO A 185 4.32 -10.55 0.69
N SER A 186 5.45 -11.10 1.10
CA SER A 186 5.55 -12.51 1.41
C SER A 186 6.51 -12.71 2.57
N MET A 187 6.55 -13.93 3.07
CA MET A 187 7.42 -14.36 4.16
C MET A 187 7.78 -15.82 3.89
N SER A 188 9.05 -16.17 4.06
CA SER A 188 9.54 -17.54 3.84
C SER A 188 8.75 -18.57 4.65
N TYR A 189 8.53 -19.74 4.07
CA TYR A 189 7.78 -20.80 4.74
C TYR A 189 8.39 -21.16 6.11
N GLU A 190 9.72 -21.27 6.15
CA GLU A 190 10.42 -21.64 7.37
C GLU A 190 10.16 -20.68 8.54
N MET A 191 10.16 -19.37 8.26
CA MET A 191 9.82 -18.38 9.28
C MET A 191 8.34 -18.49 9.74
N GLU A 192 7.44 -18.78 8.80
CA GLU A 192 6.03 -18.94 9.12
C GLU A 192 5.77 -20.17 10.01
N LEU A 193 6.44 -21.28 9.70
CA LEU A 193 6.38 -22.47 10.54
C LEU A 193 6.92 -22.18 11.96
N GLU A 194 8.05 -21.48 12.04
CA GLU A 194 8.62 -21.13 13.34
C GLU A 194 7.70 -20.19 14.14
N ALA A 195 7.01 -19.30 13.43
CA ALA A 195 6.08 -18.35 14.02
C ALA A 195 4.79 -19.00 14.54
N VAL A 196 4.51 -20.25 14.14
CA VAL A 196 3.39 -20.98 14.73
C VAL A 196 3.84 -21.79 15.95
N LYS A 197 5.04 -22.36 15.91
CA LYS A 197 5.62 -23.05 17.06
C LYS A 197 5.75 -22.15 18.29
N VAL A 198 6.12 -20.88 18.08
CA VAL A 198 6.33 -19.95 19.18
C VAL A 198 5.09 -19.75 20.07
N PRO A 199 3.92 -19.45 19.49
CA PRO A 199 2.67 -19.47 20.26
C PRO A 199 2.46 -20.74 21.09
N ILE A 200 2.73 -21.92 20.53
CA ILE A 200 2.58 -23.16 21.28
C ILE A 200 3.46 -23.08 22.54
N GLU A 201 4.73 -22.72 22.33
CA GLU A 201 5.73 -22.66 23.40
C GLU A 201 5.32 -21.66 24.49
N VAL A 202 4.86 -20.48 24.07
CA VAL A 202 4.49 -19.43 25.04
C VAL A 202 3.21 -19.81 25.79
N ALA A 203 2.23 -20.35 25.06
CA ALA A 203 0.98 -20.81 25.66
C ALA A 203 1.22 -21.91 26.70
N LEU A 204 2.01 -22.91 26.33
CA LEU A 204 2.40 -23.98 27.28
C LEU A 204 3.08 -23.46 28.53
N GLU A 205 3.97 -22.49 28.34
CA GLU A 205 4.71 -21.86 29.43
C GLU A 205 3.79 -21.07 30.35
N GLU A 206 2.80 -20.41 29.77
CA GLU A 206 1.83 -19.61 30.53
C GLU A 206 0.76 -20.44 31.22
N LEU A 207 0.52 -21.65 30.73
CA LEU A 207 -0.38 -22.60 31.39
C LEU A 207 0.29 -23.32 32.55
N LEU A 208 -0.48 -23.50 33.64
CA LEU A 208 0.04 -24.03 34.91
C LEU A 208 1.25 -23.24 35.41
N MET B 1 -37.47 14.30 15.72
CA MET B 1 -36.22 13.50 15.82
C MET B 1 -35.01 14.39 16.04
N LYS B 2 -34.07 13.92 16.87
CA LYS B 2 -32.80 14.60 17.06
C LYS B 2 -31.63 13.72 16.65
N VAL B 3 -30.70 14.32 15.92
CA VAL B 3 -29.50 13.64 15.51
C VAL B 3 -28.31 14.35 16.11
N LEU B 4 -27.43 13.56 16.74
CA LEU B 4 -26.12 14.05 17.18
C LEU B 4 -25.04 13.58 16.21
N VAL B 5 -24.20 14.52 15.78
CA VAL B 5 -22.99 14.21 15.04
C VAL B 5 -21.80 14.66 15.90
N THR B 6 -20.82 13.79 16.07
CA THR B 6 -19.58 14.22 16.72
C THR B 6 -18.41 14.18 15.75
N GLY B 7 -17.43 15.04 16.03
CA GLY B 7 -16.13 15.04 15.32
C GLY B 7 -15.06 15.13 16.40
N PHE B 8 -13.79 15.06 16.01
CA PHE B 8 -12.67 15.15 16.93
C PHE B 8 -11.80 16.33 16.60
N GLU B 9 -11.12 16.85 17.61
CA GLU B 9 -10.14 17.91 17.45
C GLU B 9 -8.86 17.35 16.77
N PRO B 10 -7.91 18.23 16.32
CA PRO B 10 -6.64 17.74 15.77
C PRO B 10 -5.85 16.85 16.73
N PHE B 11 -5.14 15.85 16.19
CA PHE B 11 -4.36 14.94 17.00
C PHE B 11 -3.16 14.44 16.21
N GLY B 12 -2.22 13.79 16.90
CA GLY B 12 -1.10 13.12 16.22
C GLY B 12 -0.15 14.03 15.47
N GLY B 13 -0.08 15.30 15.89
CA GLY B 13 0.78 16.28 15.26
C GLY B 13 0.19 16.98 14.04
N GLU B 14 -1.02 16.58 13.64
CA GLU B 14 -1.74 17.23 12.54
C GLU B 14 -2.29 18.59 12.93
N LYS B 15 -2.22 19.55 12.02
CA LYS B 15 -2.78 20.88 12.22
C LYS B 15 -4.31 20.87 12.24
N ILE B 16 -4.93 20.00 11.47
CA ILE B 16 -6.39 19.96 11.39
C ILE B 16 -6.94 18.55 11.53
N ASN B 17 -8.23 18.46 11.82
CA ASN B 17 -9.01 17.23 11.75
C ASN B 17 -10.26 17.58 10.96
N PRO B 18 -10.43 16.99 9.76
CA PRO B 18 -11.58 17.37 8.90
C PRO B 18 -12.92 17.15 9.58
N THR B 19 -12.98 16.20 10.53
CA THR B 19 -14.21 15.85 11.26
C THR B 19 -14.64 16.91 12.26
N GLU B 20 -13.70 17.75 12.71
CA GLU B 20 -14.04 18.91 13.57
C GLU B 20 -14.82 19.93 12.76
N ARG B 21 -14.37 20.20 11.54
CA ARG B 21 -15.09 21.05 10.60
C ARG B 21 -16.46 20.45 10.19
N ILE B 22 -16.52 19.14 9.94
CA ILE B 22 -17.79 18.46 9.63
C ILE B 22 -18.84 18.62 10.74
N ALA B 23 -18.44 18.43 12.00
CA ALA B 23 -19.36 18.59 13.16
C ALA B 23 -19.90 20.02 13.23
N LYS B 24 -19.00 20.98 13.03
CA LYS B 24 -19.33 22.43 13.08
C LYS B 24 -20.23 22.85 11.93
N ASP B 25 -20.01 22.27 10.75
CA ASP B 25 -20.82 22.54 9.55
C ASP B 25 -22.20 21.87 9.64
N LEU B 26 -22.30 20.78 10.39
CA LEU B 26 -23.60 20.06 10.52
C LEU B 26 -24.44 20.54 11.70
N ASP B 27 -23.82 21.25 12.64
CA ASP B 27 -24.52 21.74 13.80
C ASP B 27 -25.61 22.73 13.35
N GLY B 28 -26.86 22.50 13.78
CA GLY B 28 -27.96 23.42 13.45
C GLY B 28 -28.72 23.15 12.15
N ILE B 29 -28.29 22.18 11.36
CA ILE B 29 -29.00 21.92 10.13
C ILE B 29 -30.24 21.08 10.42
N LYS B 30 -31.13 21.03 9.45
CA LYS B 30 -32.29 20.18 9.56
C LYS B 30 -32.30 19.29 8.34
N ILE B 31 -32.69 18.05 8.52
CA ILE B 31 -32.99 17.17 7.43
C ILE B 31 -34.46 16.82 7.63
N GLY B 32 -35.34 17.42 6.84
CA GLY B 32 -36.78 17.34 7.08
C GLY B 32 -37.11 18.00 8.40
N ASP B 33 -37.96 17.34 9.22
CA ASP B 33 -38.27 17.84 10.55
C ASP B 33 -37.18 17.53 11.60
N ALA B 34 -36.17 16.76 11.21
CA ALA B 34 -35.13 16.33 12.15
C ALA B 34 -34.10 17.42 12.37
N GLN B 35 -33.73 17.62 13.63
CA GLN B 35 -32.73 18.61 13.95
C GLN B 35 -31.38 17.93 14.20
N VAL B 36 -30.34 18.47 13.58
CA VAL B 36 -28.97 17.99 13.75
C VAL B 36 -28.19 18.86 14.75
N PHE B 37 -27.52 18.18 15.68
CA PHE B 37 -26.58 18.78 16.64
C PHE B 37 -25.18 18.25 16.33
N GLY B 38 -24.23 19.15 16.16
CA GLY B 38 -22.85 18.78 15.89
C GLY B 38 -21.95 19.25 17.02
N ARG B 39 -21.19 18.32 17.61
CA ARG B 39 -20.32 18.60 18.73
C ARG B 39 -18.91 18.03 18.52
N VAL B 40 -17.89 18.78 18.94
CA VAL B 40 -16.51 18.36 18.80
C VAL B 40 -16.01 17.75 20.12
N LEU B 41 -15.37 16.60 19.99
CA LEU B 41 -14.85 15.85 21.13
C LEU B 41 -13.34 16.03 21.25
N PRO B 42 -12.82 15.99 22.49
CA PRO B 42 -11.36 15.94 22.66
C PRO B 42 -10.81 14.55 22.37
N VAL B 43 -9.64 14.51 21.75
CA VAL B 43 -8.94 13.26 21.56
C VAL B 43 -8.18 12.94 22.85
N VAL B 44 -8.94 12.62 23.89
CA VAL B 44 -8.39 12.47 25.25
C VAL B 44 -9.22 11.42 25.97
N PHE B 45 -8.57 10.38 26.44
CA PHE B 45 -9.22 9.35 27.24
C PHE B 45 -9.73 9.95 28.55
N GLY B 46 -10.89 9.48 29.01
CA GLY B 46 -11.54 10.03 30.21
C GLY B 46 -12.34 11.27 29.86
N LYS B 47 -11.66 12.33 29.44
CA LYS B 47 -12.30 13.56 29.06
C LYS B 47 -13.31 13.38 27.92
N ALA B 48 -12.98 12.61 26.88
CA ALA B 48 -13.94 12.32 25.79
C ALA B 48 -15.21 11.62 26.27
N LYS B 49 -15.08 10.72 27.24
CA LYS B 49 -16.21 10.02 27.86
C LYS B 49 -17.13 10.96 28.65
N GLU B 50 -16.52 11.88 29.40
CA GLU B 50 -17.30 12.86 30.15
C GLU B 50 -18.06 13.78 29.18
N VAL B 51 -17.38 14.31 28.18
CA VAL B 51 -18.02 15.18 27.19
C VAL B 51 -19.12 14.44 26.42
N LEU B 52 -18.83 13.21 25.99
CA LEU B 52 -19.80 12.40 25.26
C LEU B 52 -21.07 12.14 26.06
N GLU B 53 -20.92 11.68 27.30
CA GLU B 53 -22.06 11.32 28.14
C GLU B 53 -22.90 12.54 28.56
N LYS B 54 -22.22 13.66 28.82
CA LYS B 54 -22.88 14.93 29.07
C LYS B 54 -23.70 15.33 27.85
N THR B 55 -23.07 15.31 26.67
CA THR B 55 -23.75 15.62 25.41
C THR B 55 -24.98 14.75 25.15
N LEU B 56 -24.86 13.44 25.37
CA LEU B 56 -25.97 12.52 25.13
C LEU B 56 -27.16 12.83 26.06
N GLU B 57 -26.88 13.09 27.32
CA GLU B 57 -27.92 13.37 28.32
C GLU B 57 -28.63 14.70 28.04
N GLU B 58 -27.85 15.68 27.62
CA GLU B 58 -28.33 17.02 27.26
C GLU B 58 -29.29 16.96 26.07
N ILE B 59 -28.88 16.27 25.01
CA ILE B 59 -29.56 16.34 23.72
C ILE B 59 -30.60 15.23 23.59
N LYS B 60 -30.30 14.07 24.18
CA LYS B 60 -31.05 12.82 24.01
C LYS B 60 -31.36 12.52 22.53
N PRO B 61 -30.31 12.36 21.70
CA PRO B 61 -30.62 12.13 20.30
C PRO B 61 -31.16 10.71 20.05
N ASP B 62 -31.88 10.58 18.96
CA ASP B 62 -32.42 9.32 18.51
C ASP B 62 -31.40 8.56 17.67
N ILE B 63 -30.51 9.32 17.03
CA ILE B 63 -29.44 8.80 16.19
C ILE B 63 -28.15 9.54 16.54
N ALA B 64 -27.08 8.80 16.82
CA ALA B 64 -25.76 9.40 16.99
C ALA B 64 -24.82 8.86 15.90
N ILE B 65 -24.25 9.74 15.08
CA ILE B 65 -23.19 9.42 14.12
C ILE B 65 -21.90 10.03 14.65
N HIS B 66 -20.91 9.20 14.97
CA HIS B 66 -19.61 9.68 15.42
C HIS B 66 -18.61 9.58 14.28
N VAL B 67 -17.91 10.69 14.01
CA VAL B 67 -17.02 10.77 12.85
C VAL B 67 -15.56 10.91 13.35
N GLY B 68 -14.64 10.25 12.65
CA GLY B 68 -13.21 10.34 12.94
C GLY B 68 -12.36 10.30 11.68
N LEU B 69 -11.13 10.82 11.82
CA LEU B 69 -10.09 10.74 10.80
C LEU B 69 -9.44 9.36 10.83
N ALA B 70 -9.35 8.70 9.68
CA ALA B 70 -8.61 7.46 9.59
C ALA B 70 -7.46 7.65 8.60
N PRO B 71 -6.28 8.10 9.10
CA PRO B 71 -5.12 8.34 8.23
C PRO B 71 -4.69 7.09 7.44
N GLY B 72 -4.52 7.23 6.14
CA GLY B 72 -4.10 6.12 5.29
C GLY B 72 -5.24 5.38 4.61
N ARG B 73 -6.46 5.61 5.07
CA ARG B 73 -7.64 5.00 4.46
C ARG B 73 -8.06 5.81 3.24
N SER B 74 -8.55 5.12 2.21
CA SER B 74 -8.69 5.72 0.88
C SER B 74 -10.12 6.05 0.48
N ALA B 75 -11.08 5.52 1.24
CA ALA B 75 -12.49 5.76 1.05
C ALA B 75 -13.13 6.00 2.41
N ILE B 76 -14.40 6.38 2.39
CA ILE B 76 -15.26 6.42 3.58
C ILE B 76 -15.41 4.99 4.11
N SER B 77 -15.27 4.82 5.42
CA SER B 77 -15.50 3.53 6.04
C SER B 77 -16.56 3.61 7.15
N ILE B 78 -17.45 2.64 7.13
CA ILE B 78 -18.55 2.58 8.08
C ILE B 78 -18.19 1.44 9.01
N GLU B 79 -17.99 1.78 10.30
CA GLU B 79 -17.59 0.79 11.28
C GLU B 79 -18.72 -0.18 11.66
N ARG B 80 -18.42 -1.46 11.61
CA ARG B 80 -19.42 -2.47 11.98
C ARG B 80 -19.42 -2.76 13.47
N ILE B 81 -18.24 -2.67 14.09
CA ILE B 81 -18.08 -3.21 15.42
C ILE B 81 -17.29 -2.30 16.36
N ALA B 82 -17.77 -2.18 17.59
CA ALA B 82 -17.07 -1.47 18.65
C ALA B 82 -16.59 -2.49 19.69
N VAL B 83 -15.33 -2.34 20.12
CA VAL B 83 -14.67 -3.30 21.00
C VAL B 83 -14.36 -2.69 22.37
N ASN B 84 -14.65 -3.45 23.44
CA ASN B 84 -14.44 -3.04 24.83
C ASN B 84 -12.97 -3.20 25.22
N ALA B 85 -12.13 -2.39 24.59
CA ALA B 85 -10.69 -2.45 24.80
C ALA B 85 -10.06 -1.15 24.40
N ILE B 86 -9.02 -0.78 25.14
CA ILE B 86 -8.14 0.30 24.76
C ILE B 86 -6.73 -0.26 24.68
N ASP B 87 -6.08 -0.01 23.55
CA ASP B 87 -4.67 -0.27 23.41
C ASP B 87 -4.15 0.78 22.45
N ALA B 88 -3.76 1.92 23.01
CA ALA B 88 -3.40 3.09 22.25
C ALA B 88 -2.06 2.93 21.55
N ARG B 89 -2.10 2.96 20.22
CA ARG B 89 -0.92 2.88 19.36
C ARG B 89 -0.06 4.15 19.48
N ILE B 90 -0.72 5.26 19.79
CA ILE B 90 -0.07 6.55 20.06
C ILE B 90 -0.75 7.13 21.30
N PRO B 91 -0.10 8.09 21.99
CA PRO B 91 -0.76 8.72 23.13
C PRO B 91 -1.96 9.58 22.71
N ASP B 92 -2.86 9.83 23.66
CA ASP B 92 -3.93 10.76 23.38
C ASP B 92 -3.32 12.16 23.43
N ASN B 93 -4.15 13.19 23.31
CA ASN B 93 -3.66 14.56 23.29
C ASN B 93 -3.14 15.06 24.64
N GLU B 94 -3.26 14.26 25.69
CA GLU B 94 -2.63 14.61 26.98
C GLU B 94 -1.43 13.71 27.31
N GLY B 95 -0.95 12.98 26.30
CA GLY B 95 0.19 12.08 26.49
C GLY B 95 -0.11 10.76 27.20
N LYS B 96 -1.39 10.41 27.25
CA LYS B 96 -1.86 9.24 27.95
C LYS B 96 -1.97 8.11 26.93
N LYS B 97 -1.17 7.07 27.14
CA LYS B 97 -1.12 5.93 26.24
C LYS B 97 -1.59 4.66 26.97
N ILE B 98 -2.91 4.44 26.98
CA ILE B 98 -3.48 3.32 27.72
C ILE B 98 -3.33 2.01 26.95
N GLU B 99 -2.80 0.97 27.61
CA GLU B 99 -2.58 -0.35 27.02
C GLU B 99 -3.30 -1.49 27.73
N ASP B 100 -4.02 -2.28 26.94
CA ASP B 100 -4.80 -3.44 27.38
C ASP B 100 -5.65 -3.22 28.63
N GLU B 101 -6.54 -2.25 28.54
CA GLU B 101 -7.56 -2.03 29.53
C GLU B 101 -8.91 -2.14 28.83
N PRO B 102 -9.95 -2.63 29.54
CA PRO B 102 -11.31 -2.47 29.06
C PRO B 102 -11.74 -1.00 29.01
N ILE B 103 -12.76 -0.72 28.22
CA ILE B 103 -13.42 0.58 28.30
C ILE B 103 -14.39 0.58 29.50
N VAL B 104 -15.25 -0.44 29.57
CA VAL B 104 -16.18 -0.56 30.68
C VAL B 104 -16.07 -1.96 31.25
N PRO B 105 -15.39 -2.10 32.41
CA PRO B 105 -15.24 -3.41 33.08
C PRO B 105 -16.58 -4.12 33.24
N GLY B 106 -16.65 -5.36 32.76
CA GLY B 106 -17.85 -6.18 32.90
C GLY B 106 -18.89 -6.04 31.80
N ALA B 107 -18.73 -5.05 30.91
CA ALA B 107 -19.66 -4.86 29.82
C ALA B 107 -19.30 -5.77 28.62
N PRO B 108 -20.23 -5.96 27.64
CA PRO B 108 -19.96 -6.91 26.55
C PRO B 108 -18.64 -6.62 25.84
N THR B 109 -17.99 -7.67 25.37
CA THR B 109 -16.69 -7.58 24.68
C THR B 109 -16.77 -6.67 23.45
N ALA B 110 -17.94 -6.69 22.79
CA ALA B 110 -18.18 -5.83 21.64
C ALA B 110 -19.66 -5.46 21.50
N TYR B 111 -19.92 -4.39 20.76
CA TYR B 111 -21.25 -4.03 20.28
C TYR B 111 -21.19 -3.83 18.77
N PHE B 112 -22.16 -4.39 18.05
CA PHE B 112 -22.39 -4.04 16.66
C PHE B 112 -23.01 -2.64 16.59
N SER B 113 -22.59 -1.86 15.59
CA SER B 113 -23.25 -0.62 15.27
C SER B 113 -24.69 -0.94 14.86
N THR B 114 -25.61 -0.04 15.24
CA THR B 114 -27.02 -0.23 14.98
C THR B 114 -27.51 0.71 13.88
N LEU B 115 -26.55 1.38 13.23
CA LEU B 115 -26.84 2.08 11.99
C LEU B 115 -27.13 1.05 10.90
N PRO B 116 -27.99 1.39 9.92
CA PRO B 116 -28.17 0.47 8.79
C PRO B 116 -26.97 0.56 7.83
N ILE B 117 -25.86 -0.02 8.25
CA ILE B 117 -24.56 0.15 7.57
C ILE B 117 -24.54 -0.22 6.08
N LYS B 118 -25.22 -1.29 5.70
CA LYS B 118 -25.25 -1.74 4.31
C LYS B 118 -26.04 -0.78 3.43
N LYS B 119 -27.19 -0.31 3.94
CA LYS B 119 -28.01 0.69 3.26
C LYS B 119 -27.27 2.02 3.17
N ILE B 120 -26.55 2.36 4.21
CA ILE B 120 -25.71 3.56 4.19
C ILE B 120 -24.64 3.45 3.08
N MET B 121 -23.93 2.33 3.05
CA MET B 121 -22.93 2.07 2.02
C MET B 121 -23.49 2.14 0.58
N LYS B 122 -24.60 1.42 0.35
CA LYS B 122 -25.33 1.45 -0.92
C LYS B 122 -25.67 2.88 -1.36
N LYS B 123 -26.22 3.68 -0.45
CA LYS B 123 -26.60 5.04 -0.79
C LYS B 123 -25.40 5.93 -1.15
N LEU B 124 -24.31 5.79 -0.42
CA LEU B 124 -23.06 6.49 -0.74
C LEU B 124 -22.56 6.14 -2.14
N HIS B 125 -22.61 4.86 -2.50
CA HIS B 125 -22.21 4.40 -3.83
C HIS B 125 -23.06 5.04 -4.92
N GLU B 126 -24.38 5.09 -4.68
CA GLU B 126 -25.32 5.77 -5.58
C GLU B 126 -25.01 7.25 -5.74
N ARG B 127 -24.47 7.87 -4.69
CA ARG B 127 -24.08 9.29 -4.70
C ARG B 127 -22.69 9.52 -5.28
N GLY B 128 -22.01 8.46 -5.70
CA GLY B 128 -20.68 8.56 -6.29
C GLY B 128 -19.57 8.52 -5.27
N ILE B 129 -19.92 8.19 -4.03
CA ILE B 129 -18.97 8.27 -2.92
C ILE B 129 -18.40 6.89 -2.54
N PRO B 130 -17.08 6.71 -2.70
CA PRO B 130 -16.39 5.48 -2.30
C PRO B 130 -16.52 5.23 -0.80
N ALA B 131 -17.07 4.06 -0.46
CA ALA B 131 -17.36 3.71 0.91
C ALA B 131 -17.28 2.19 1.08
N TYR B 132 -16.81 1.74 2.24
CA TYR B 132 -16.81 0.31 2.55
C TYR B 132 -17.08 0.07 4.03
N ILE B 133 -17.31 -1.20 4.39
CA ILE B 133 -17.52 -1.59 5.79
C ILE B 133 -16.18 -1.94 6.46
N SER B 134 -15.88 -1.27 7.58
CA SER B 134 -14.66 -1.55 8.32
C SER B 134 -15.01 -2.43 9.52
N ASN B 135 -14.14 -3.39 9.83
CA ASN B 135 -14.41 -4.35 10.90
C ASN B 135 -13.58 -4.14 12.15
N SER B 136 -12.73 -3.12 12.12
CA SER B 136 -12.08 -2.62 13.32
C SER B 136 -12.01 -1.11 13.25
N ALA B 137 -12.42 -0.42 14.32
CA ALA B 137 -12.32 1.04 14.41
C ALA B 137 -11.01 1.49 15.06
N GLY B 138 -10.06 0.56 15.15
CA GLY B 138 -8.85 0.75 15.94
C GLY B 138 -9.16 0.51 17.41
N LEU B 139 -8.21 0.82 18.29
CA LEU B 139 -8.44 0.71 19.75
C LEU B 139 -8.02 2.00 20.45
N TYR B 140 -8.13 3.10 19.70
CA TYR B 140 -7.80 4.43 20.20
C TYR B 140 -9.13 5.16 20.49
N LEU B 141 -9.16 6.46 20.26
CA LEU B 141 -10.30 7.31 20.63
C LEU B 141 -11.59 7.14 19.82
N SER B 142 -11.46 6.78 18.54
CA SER B 142 -12.64 6.52 17.70
C SER B 142 -13.44 5.36 18.24
N ASN B 143 -12.76 4.23 18.45
CA ASN B 143 -13.38 3.03 19.00
C ASN B 143 -13.95 3.27 20.39
N TYR B 144 -13.18 3.97 21.21
CA TYR B 144 -13.53 4.34 22.58
C TYR B 144 -14.89 5.02 22.59
N VAL B 145 -15.06 6.06 21.75
CA VAL B 145 -16.32 6.82 21.62
C VAL B 145 -17.47 5.97 21.04
N MET B 146 -17.17 5.24 19.96
CA MET B 146 -18.11 4.29 19.34
C MET B 146 -18.69 3.28 20.34
N TYR B 147 -17.80 2.71 21.16
CA TYR B 147 -18.17 1.73 22.18
C TYR B 147 -19.04 2.37 23.26
N LEU B 148 -18.62 3.53 23.75
CA LEU B 148 -19.36 4.22 24.84
C LEU B 148 -20.74 4.65 24.38
N SER B 149 -20.85 5.01 23.10
CA SER B 149 -22.12 5.42 22.53
C SER B 149 -23.09 4.23 22.38
N LEU B 150 -22.57 3.09 21.93
CA LEU B 150 -23.38 1.86 21.84
C LEU B 150 -23.74 1.31 23.21
N HIS B 151 -22.81 1.39 24.15
CA HIS B 151 -23.06 1.01 25.54
C HIS B 151 -24.15 1.87 26.20
N HIS B 152 -24.10 3.18 25.95
CA HIS B 152 -25.14 4.10 26.40
C HIS B 152 -26.49 3.69 25.82
N SER B 153 -26.52 3.40 24.52
CA SER B 153 -27.73 2.94 23.85
C SER B 153 -28.29 1.65 24.44
N ALA B 154 -27.42 0.66 24.66
CA ALA B 154 -27.84 -0.62 25.22
C ALA B 154 -28.35 -0.43 26.65
N THR B 155 -27.78 0.56 27.33
CA THR B 155 -27.96 0.77 28.77
C THR B 155 -29.03 1.83 29.13
N LYS B 156 -29.19 2.85 28.28
CA LYS B 156 -30.19 3.91 28.48
C LYS B 156 -31.39 3.86 27.52
N GLY B 157 -31.32 3.08 26.46
CA GLY B 157 -32.42 3.04 25.50
C GLY B 157 -32.39 4.19 24.49
N TYR B 158 -31.41 5.06 24.60
CA TYR B 158 -31.15 6.08 23.58
C TYR B 158 -29.63 6.30 23.44
N PRO B 159 -29.14 6.71 22.25
CA PRO B 159 -29.81 6.74 20.94
C PRO B 159 -30.31 5.37 20.46
N LYS B 160 -31.35 5.36 19.63
CA LYS B 160 -31.83 4.12 19.05
C LYS B 160 -30.84 3.58 18.02
N MET B 161 -30.26 4.48 17.24
CA MET B 161 -29.20 4.11 16.30
C MET B 161 -27.89 4.84 16.63
N SER B 162 -26.79 4.11 16.51
CA SER B 162 -25.46 4.63 16.86
C SER B 162 -24.40 3.93 16.02
N GLY B 163 -23.46 4.70 15.48
CA GLY B 163 -22.33 4.11 14.79
C GLY B 163 -21.23 5.12 14.47
N PHE B 164 -20.20 4.65 13.77
CA PHE B 164 -19.01 5.45 13.53
C PHE B 164 -18.68 5.52 12.04
N ILE B 165 -18.28 6.71 11.56
CA ILE B 165 -17.83 6.91 10.18
C ILE B 165 -16.40 7.45 10.22
N HIS B 166 -15.47 6.69 9.64
CA HIS B 166 -14.10 7.17 9.44
C HIS B 166 -13.90 7.81 8.06
N VAL B 167 -13.17 8.94 8.03
CA VAL B 167 -12.92 9.66 6.78
C VAL B 167 -11.42 9.70 6.50
N PRO B 168 -11.02 9.66 5.22
CA PRO B 168 -9.62 9.87 4.84
C PRO B 168 -9.09 11.26 5.19
N TYR B 169 -7.77 11.43 5.13
CA TYR B 169 -7.15 12.76 5.09
C TYR B 169 -7.87 13.62 4.04
N ILE B 170 -7.97 14.94 4.27
CA ILE B 170 -8.33 15.84 3.17
C ILE B 170 -7.07 16.25 2.44
N PRO B 171 -7.18 16.55 1.12
CA PRO B 171 -5.97 16.73 0.32
C PRO B 171 -4.96 17.76 0.89
N GLU B 172 -5.44 18.81 1.52
CA GLU B 172 -4.53 19.81 2.05
C GLU B 172 -3.62 19.26 3.16
N GLN B 173 -4.06 18.20 3.83
CA GLN B 173 -3.26 17.55 4.89
C GLN B 173 -2.09 16.75 4.32
N ILE B 174 -2.12 16.48 3.02
CA ILE B 174 -1.11 15.65 2.36
C ILE B 174 0.16 16.41 1.98
N ILE B 175 0.02 17.72 1.73
CA ILE B 175 1.12 18.60 1.24
C ILE B 175 2.37 18.46 2.08
N ASP B 176 2.16 18.53 3.38
CA ASP B 176 3.20 18.48 4.38
C ASP B 176 3.92 17.13 4.44
N LYS B 177 3.25 16.06 3.96
CA LYS B 177 3.80 14.70 3.98
C LYS B 177 4.66 14.40 2.74
N ILE B 178 4.48 15.18 1.67
CA ILE B 178 5.10 14.87 0.38
C ILE B 178 6.63 14.84 0.47
N GLY B 179 7.23 15.84 1.10
CA GLY B 179 8.68 15.83 1.30
C GLY B 179 9.13 15.02 2.51
N LYS B 180 8.62 13.78 2.64
CA LYS B 180 8.82 12.96 3.85
C LYS B 180 8.69 11.43 3.67
N GLY B 181 8.48 10.95 2.45
CA GLY B 181 8.24 9.52 2.23
C GLY B 181 6.95 9.28 1.49
N GLN B 182 6.20 8.25 1.90
CA GLN B 182 4.92 7.86 1.24
C GLN B 182 3.81 8.92 1.29
N VAL B 183 2.96 8.89 0.27
CA VAL B 183 1.87 9.84 0.09
C VAL B 183 0.54 9.13 0.31
N PRO B 184 -0.09 9.39 1.46
CA PRO B 184 -1.35 8.76 1.85
C PRO B 184 -2.50 9.21 0.94
N PRO B 185 -3.55 8.37 0.82
CA PRO B 185 -4.72 8.81 0.07
C PRO B 185 -5.48 9.95 0.78
N SER B 186 -6.35 10.62 0.04
CA SER B 186 -7.12 11.75 0.55
C SER B 186 -8.48 11.80 -0.15
N MET B 187 -9.39 12.59 0.39
CA MET B 187 -10.73 12.76 -0.16
C MET B 187 -11.08 14.22 0.10
N SER B 188 -11.72 14.88 -0.86
CA SER B 188 -12.05 16.31 -0.72
C SER B 188 -13.02 16.53 0.44
N TYR B 189 -12.89 17.67 1.12
CA TYR B 189 -13.72 17.97 2.26
C TYR B 189 -15.20 17.85 1.94
N GLU B 190 -15.59 18.40 0.80
CA GLU B 190 -16.99 18.49 0.39
C GLU B 190 -17.66 17.11 0.23
N MET B 191 -16.89 16.14 -0.28
CA MET B 191 -17.34 14.75 -0.37
C MET B 191 -17.46 14.12 1.02
N GLU B 192 -16.52 14.39 1.92
CA GLU B 192 -16.57 13.85 3.28
C GLU B 192 -17.79 14.37 4.06
N LEU B 193 -18.05 15.68 3.94
CA LEU B 193 -19.23 16.32 4.52
C LEU B 193 -20.52 15.67 4.02
N GLU B 194 -20.66 15.54 2.71
CA GLU B 194 -21.80 14.85 2.10
C GLU B 194 -21.92 13.39 2.54
N ALA B 195 -20.76 12.73 2.71
CA ALA B 195 -20.72 11.35 3.19
C ALA B 195 -21.13 11.19 4.65
N VAL B 196 -21.26 12.30 5.38
CA VAL B 196 -21.78 12.23 6.75
C VAL B 196 -23.30 12.52 6.78
N LYS B 197 -23.71 13.42 5.91
CA LYS B 197 -25.12 13.77 5.70
C LYS B 197 -25.90 12.53 5.26
N VAL B 198 -25.32 11.70 4.39
CA VAL B 198 -26.00 10.52 3.84
C VAL B 198 -26.42 9.49 4.90
N PRO B 199 -25.49 9.06 5.78
CA PRO B 199 -25.88 8.27 6.95
C PRO B 199 -27.05 8.83 7.78
N ILE B 200 -27.07 10.13 8.00
CA ILE B 200 -28.18 10.73 8.75
C ILE B 200 -29.51 10.48 8.01
N GLU B 201 -29.55 10.83 6.71
CA GLU B 201 -30.75 10.64 5.90
C GLU B 201 -31.21 9.19 5.90
N VAL B 202 -30.30 8.27 5.59
CA VAL B 202 -30.62 6.84 5.56
C VAL B 202 -31.11 6.33 6.93
N ALA B 203 -30.44 6.75 8.00
CA ALA B 203 -30.85 6.43 9.37
C ALA B 203 -32.25 6.96 9.70
N LEU B 204 -32.53 8.21 9.33
CA LEU B 204 -33.84 8.81 9.58
C LEU B 204 -34.92 8.06 8.80
N GLU B 205 -34.58 7.65 7.58
CA GLU B 205 -35.47 6.84 6.77
C GLU B 205 -35.85 5.55 7.47
N GLU B 206 -34.83 4.85 7.98
CA GLU B 206 -35.03 3.53 8.56
C GLU B 206 -35.73 3.60 9.91
N LEU B 207 -35.49 4.66 10.67
CA LEU B 207 -36.17 4.85 11.96
C LEU B 207 -37.62 5.23 11.77
N LEU B 208 -38.47 4.58 12.56
CA LEU B 208 -39.92 4.78 12.53
C LEU B 208 -40.48 4.79 11.09
N MET C 1 36.91 -15.17 -16.19
CA MET C 1 35.97 -14.03 -15.98
C MET C 1 36.11 -13.44 -14.59
N LYS C 2 35.88 -12.13 -14.49
CA LYS C 2 35.85 -11.46 -13.20
C LYS C 2 34.53 -10.71 -13.00
N VAL C 3 34.03 -10.75 -11.76
CA VAL C 3 32.71 -10.22 -11.41
C VAL C 3 32.82 -9.34 -10.19
N LEU C 4 32.33 -8.11 -10.33
CA LEU C 4 32.25 -7.18 -9.22
C LEU C 4 30.83 -7.11 -8.73
N VAL C 5 30.65 -7.32 -7.43
CA VAL C 5 29.39 -7.11 -6.76
C VAL C 5 29.61 -6.01 -5.73
N THR C 6 28.75 -4.99 -5.76
CA THR C 6 28.83 -3.99 -4.72
C THR C 6 27.56 -4.01 -3.89
N GLY C 7 27.71 -3.55 -2.64
CA GLY C 7 26.58 -3.23 -1.77
C GLY C 7 26.93 -1.94 -1.04
N PHE C 8 26.00 -1.43 -0.24
CA PHE C 8 26.18 -0.16 0.44
C PHE C 8 26.23 -0.35 1.94
N GLU C 9 26.81 0.63 2.62
CA GLU C 9 26.79 0.68 4.09
C GLU C 9 25.39 1.09 4.60
N PRO C 10 25.15 1.02 5.93
CA PRO C 10 23.88 1.56 6.47
C PRO C 10 23.67 3.07 6.24
N PHE C 11 22.43 3.45 5.98
CA PHE C 11 22.08 4.85 5.75
C PHE C 11 20.71 5.12 6.38
N GLY C 12 20.41 6.41 6.59
CA GLY C 12 19.06 6.86 6.93
C GLY C 12 18.49 6.36 8.24
N GLY C 13 19.34 6.20 9.26
CA GLY C 13 18.88 5.77 10.58
C GLY C 13 18.95 4.27 10.80
N GLU C 14 18.98 3.51 9.70
CA GLU C 14 19.02 2.05 9.76
C GLU C 14 20.33 1.52 10.34
N LYS C 15 20.19 0.53 11.22
CA LYS C 15 21.30 -0.15 11.88
C LYS C 15 22.10 -0.97 10.87
N ILE C 16 21.39 -1.63 9.95
CA ILE C 16 22.05 -2.45 8.95
C ILE C 16 21.63 -2.10 7.52
N ASN C 17 22.46 -2.52 6.58
CA ASN C 17 22.11 -2.57 5.17
C ASN C 17 22.40 -4.00 4.76
N PRO C 18 21.37 -4.78 4.33
CA PRO C 18 21.64 -6.20 3.96
C PRO C 18 22.57 -6.36 2.75
N THR C 19 22.66 -5.34 1.91
CA THR C 19 23.54 -5.40 0.74
C THR C 19 25.01 -5.33 1.14
N GLU C 20 25.28 -4.74 2.30
CA GLU C 20 26.61 -4.78 2.87
C GLU C 20 27.03 -6.23 3.16
N ARG C 21 26.15 -7.00 3.82
CA ARG C 21 26.40 -8.41 4.15
C ARG C 21 26.53 -9.24 2.87
N ILE C 22 25.64 -9.00 1.91
CA ILE C 22 25.72 -9.67 0.61
C ILE C 22 27.08 -9.49 -0.08
N ALA C 23 27.54 -8.25 -0.21
CA ALA C 23 28.83 -7.95 -0.81
C ALA C 23 29.98 -8.67 -0.09
N LYS C 24 29.98 -8.62 1.24
CA LYS C 24 30.97 -9.33 2.07
C LYS C 24 30.88 -10.86 2.01
N ASP C 25 29.68 -11.38 1.82
CA ASP C 25 29.50 -12.83 1.72
C ASP C 25 29.91 -13.35 0.36
N LEU C 26 29.79 -12.50 -0.67
CA LEU C 26 30.11 -12.94 -2.02
C LEU C 26 31.59 -12.79 -2.37
N ASP C 27 32.28 -11.90 -1.67
CA ASP C 27 33.66 -11.57 -1.97
C ASP C 27 34.54 -12.80 -1.82
N GLY C 28 35.31 -13.11 -2.86
CA GLY C 28 36.26 -14.22 -2.81
C GLY C 28 35.71 -15.55 -3.32
N ILE C 29 34.40 -15.63 -3.57
CA ILE C 29 33.84 -16.90 -4.04
C ILE C 29 34.08 -17.09 -5.54
N LYS C 30 33.91 -18.32 -6.00
CA LYS C 30 33.93 -18.59 -7.42
C LYS C 30 32.60 -19.17 -7.87
N ILE C 31 32.10 -18.69 -9.01
CA ILE C 31 30.94 -19.27 -9.67
C ILE C 31 31.51 -19.89 -10.93
N GLY C 32 31.69 -21.21 -10.93
CA GLY C 32 32.39 -21.88 -12.00
C GLY C 32 33.83 -21.40 -12.01
N ASP C 33 34.30 -21.00 -13.20
CA ASP C 33 35.66 -20.51 -13.36
C ASP C 33 35.74 -19.00 -13.08
N ALA C 34 34.60 -18.36 -12.89
CA ALA C 34 34.56 -16.92 -12.68
C ALA C 34 34.81 -16.54 -11.22
N GLN C 35 35.64 -15.52 -11.04
CA GLN C 35 36.03 -15.00 -9.74
C GLN C 35 35.19 -13.76 -9.35
N VAL C 36 34.59 -13.81 -8.16
CA VAL C 36 33.71 -12.76 -7.66
C VAL C 36 34.44 -11.88 -6.65
N PHE C 37 34.34 -10.57 -6.84
CA PHE C 37 34.87 -9.60 -5.90
C PHE C 37 33.69 -8.86 -5.28
N GLY C 38 33.70 -8.68 -3.96
CA GLY C 38 32.62 -7.99 -3.26
C GLY C 38 33.11 -6.75 -2.55
N ARG C 39 32.53 -5.60 -2.90
CA ARG C 39 32.93 -4.32 -2.32
C ARG C 39 31.75 -3.53 -1.75
N VAL C 40 31.97 -2.97 -0.55
CA VAL C 40 30.98 -2.11 0.11
C VAL C 40 31.25 -0.64 -0.23
N LEU C 41 30.22 0.04 -0.74
CA LEU C 41 30.36 1.44 -1.13
C LEU C 41 29.81 2.31 -0.01
N PRO C 42 30.38 3.51 0.17
CA PRO C 42 29.79 4.46 1.11
C PRO C 42 28.53 5.09 0.51
N VAL C 43 27.53 5.37 1.34
CA VAL C 43 26.33 6.07 0.87
C VAL C 43 26.62 7.58 0.97
N VAL C 44 27.52 8.02 0.08
CA VAL C 44 28.06 9.38 0.10
C VAL C 44 28.36 9.79 -1.34
N PHE C 45 27.72 10.86 -1.80
CA PHE C 45 28.00 11.45 -3.12
C PHE C 45 29.45 11.93 -3.17
N GLY C 46 30.10 11.73 -4.31
CA GLY C 46 31.52 12.06 -4.45
C GLY C 46 32.42 10.91 -4.03
N LYS C 47 32.42 10.59 -2.75
CA LYS C 47 33.21 9.47 -2.22
C LYS C 47 32.85 8.13 -2.90
N ALA C 48 31.56 7.86 -3.07
CA ALA C 48 31.13 6.61 -3.73
C ALA C 48 31.63 6.49 -5.16
N LYS C 49 31.65 7.62 -5.88
CA LYS C 49 32.19 7.68 -7.24
C LYS C 49 33.71 7.44 -7.23
N GLU C 50 34.41 8.13 -6.34
CA GLU C 50 35.85 7.89 -6.15
C GLU C 50 36.12 6.40 -5.92
N VAL C 51 35.43 5.81 -4.93
CA VAL C 51 35.59 4.38 -4.62
C VAL C 51 35.20 3.46 -5.79
N LEU C 52 34.04 3.71 -6.39
CA LEU C 52 33.56 2.90 -7.49
C LEU C 52 34.55 2.91 -8.66
N GLU C 53 34.97 4.10 -9.07
CA GLU C 53 35.86 4.22 -10.23
C GLU C 53 37.25 3.61 -9.98
N LYS C 54 37.75 3.73 -8.75
CA LYS C 54 39.00 3.09 -8.33
C LYS C 54 38.93 1.54 -8.38
N THR C 55 37.84 0.98 -7.85
CA THR C 55 37.59 -0.46 -7.78
C THR C 55 37.41 -1.06 -9.17
N LEU C 56 36.69 -0.34 -10.03
CA LEU C 56 36.45 -0.74 -11.40
C LEU C 56 37.77 -0.78 -12.20
N GLU C 57 38.61 0.22 -11.97
CA GLU C 57 39.92 0.32 -12.59
C GLU C 57 40.88 -0.76 -12.11
N GLU C 58 40.92 -0.97 -10.79
CA GLU C 58 41.75 -1.99 -10.15
C GLU C 58 41.40 -3.41 -10.65
N ILE C 59 40.11 -3.73 -10.69
CA ILE C 59 39.65 -5.09 -10.95
C ILE C 59 39.39 -5.31 -12.43
N LYS C 60 38.95 -4.26 -13.10
CA LYS C 60 38.54 -4.33 -14.51
C LYS C 60 37.63 -5.56 -14.73
N PRO C 61 36.45 -5.57 -14.11
CA PRO C 61 35.60 -6.76 -14.21
C PRO C 61 34.83 -6.84 -15.51
N ASP C 62 34.44 -8.05 -15.90
CA ASP C 62 33.63 -8.26 -17.09
C ASP C 62 32.15 -7.95 -16.80
N ILE C 63 31.77 -8.17 -15.55
CA ILE C 63 30.39 -7.98 -15.11
C ILE C 63 30.40 -7.21 -13.80
N ALA C 64 29.48 -6.24 -13.70
CA ALA C 64 29.29 -5.47 -12.48
C ALA C 64 27.83 -5.55 -12.06
N ILE C 65 27.60 -6.12 -10.87
CA ILE C 65 26.27 -6.17 -10.26
C ILE C 65 26.28 -5.27 -9.04
N HIS C 66 25.54 -4.18 -9.12
CA HIS C 66 25.43 -3.25 -8.00
C HIS C 66 24.14 -3.50 -7.25
N VAL C 67 24.25 -3.73 -5.95
CA VAL C 67 23.10 -4.04 -5.12
C VAL C 67 22.86 -2.95 -4.08
N GLY C 68 21.57 -2.70 -3.78
CA GLY C 68 21.21 -1.70 -2.77
C GLY C 68 19.89 -2.03 -2.11
N LEU C 69 19.63 -1.39 -0.97
CA LEU C 69 18.37 -1.57 -0.23
C LEU C 69 17.31 -0.64 -0.81
N ALA C 70 16.13 -1.20 -1.12
CA ALA C 70 14.97 -0.36 -1.41
C ALA C 70 13.90 -0.54 -0.33
N PRO C 71 13.90 0.33 0.69
CA PRO C 71 12.88 0.20 1.75
C PRO C 71 11.46 0.29 1.16
N GLY C 72 10.59 -0.66 1.50
CA GLY C 72 9.19 -0.59 1.10
C GLY C 72 8.85 -1.51 -0.05
N ARG C 73 9.89 -1.93 -0.77
CA ARG C 73 9.75 -2.84 -1.88
C ARG C 73 9.55 -4.26 -1.39
N SER C 74 8.68 -5.00 -2.07
CA SER C 74 8.21 -6.30 -1.55
C SER C 74 8.88 -7.51 -2.23
N ALA C 75 9.53 -7.27 -3.38
CA ALA C 75 10.26 -8.32 -4.06
C ALA C 75 11.63 -7.81 -4.53
N ILE C 76 12.44 -8.71 -5.10
CA ILE C 76 13.65 -8.34 -5.80
C ILE C 76 13.27 -7.43 -7.00
N SER C 77 14.07 -6.38 -7.25
CA SER C 77 13.84 -5.55 -8.43
C SER C 77 15.11 -5.34 -9.23
N ILE C 78 14.99 -5.55 -10.53
CA ILE C 78 16.12 -5.43 -11.43
C ILE C 78 15.94 -4.11 -12.20
N GLU C 79 16.89 -3.21 -12.04
CA GLU C 79 16.74 -1.87 -12.60
C GLU C 79 16.96 -1.86 -14.10
N ARG C 80 15.97 -1.34 -14.82
CA ARG C 80 16.03 -1.18 -16.29
C ARG C 80 16.95 -0.04 -16.71
N ILE C 81 16.91 1.06 -15.96
CA ILE C 81 17.50 2.32 -16.42
C ILE C 81 18.14 3.13 -15.29
N ALA C 82 19.30 3.68 -15.58
CA ALA C 82 19.95 4.67 -14.72
C ALA C 82 19.71 6.06 -15.34
N VAL C 83 19.48 7.07 -14.51
CA VAL C 83 19.27 8.39 -15.08
C VAL C 83 20.32 9.39 -14.63
N ASN C 84 20.70 10.26 -15.57
CA ASN C 84 21.73 11.28 -15.34
C ASN C 84 21.18 12.46 -14.52
N ALA C 85 20.81 12.17 -13.27
CA ALA C 85 20.24 13.15 -12.35
C ALA C 85 20.41 12.70 -10.91
N ILE C 86 20.58 13.69 -10.05
CA ILE C 86 20.59 13.54 -8.61
C ILE C 86 19.51 14.47 -8.07
N ASP C 87 18.55 13.89 -7.35
CA ASP C 87 17.58 14.67 -6.60
C ASP C 87 17.35 13.96 -5.27
N ALA C 88 18.25 14.23 -4.31
CA ALA C 88 18.29 13.53 -3.04
C ALA C 88 17.10 13.90 -2.14
N ARG C 89 16.30 12.89 -1.79
CA ARG C 89 15.13 13.04 -0.92
C ARG C 89 15.53 13.17 0.55
N ILE C 90 16.71 12.63 0.87
CA ILE C 90 17.30 12.68 2.21
C ILE C 90 18.78 13.00 2.00
N PRO C 91 19.46 13.58 3.01
CA PRO C 91 20.92 13.77 2.91
C PRO C 91 21.67 12.44 2.78
N ASP C 92 22.87 12.47 2.19
CA ASP C 92 23.75 11.30 2.22
C ASP C 92 24.41 11.14 3.61
N ASN C 93 25.27 10.15 3.79
CA ASN C 93 25.86 9.92 5.10
C ASN C 93 26.83 11.00 5.59
N GLU C 94 27.16 11.95 4.73
CA GLU C 94 27.97 13.10 5.11
C GLU C 94 27.17 14.40 5.18
N GLY C 95 25.84 14.27 5.22
CA GLY C 95 24.95 15.42 5.34
C GLY C 95 24.68 16.20 4.06
N LYS C 96 25.24 15.76 2.93
CA LYS C 96 25.05 16.44 1.64
C LYS C 96 23.75 16.04 0.97
N LYS C 97 22.98 17.03 0.53
CA LYS C 97 21.69 16.80 -0.11
C LYS C 97 21.69 17.52 -1.45
N ILE C 98 21.97 16.78 -2.53
CA ILE C 98 22.03 17.36 -3.86
C ILE C 98 20.66 17.35 -4.53
N GLU C 99 20.28 18.49 -5.09
CA GLU C 99 18.95 18.71 -5.66
C GLU C 99 19.06 19.20 -7.11
N ASP C 100 18.48 18.43 -8.03
CA ASP C 100 18.40 18.77 -9.45
C ASP C 100 19.73 19.13 -10.09
N GLU C 101 20.67 18.20 -9.99
CA GLU C 101 21.98 18.30 -10.59
C GLU C 101 22.20 17.08 -11.48
N PRO C 102 22.96 17.24 -12.58
CA PRO C 102 23.31 16.04 -13.34
C PRO C 102 24.42 15.26 -12.64
N ILE C 103 24.58 13.98 -13.00
CA ILE C 103 25.67 13.18 -12.46
C ILE C 103 26.96 13.50 -13.26
N VAL C 104 26.88 13.41 -14.58
CA VAL C 104 27.99 13.74 -15.48
C VAL C 104 27.48 14.75 -16.51
N PRO C 105 27.81 16.05 -16.31
CA PRO C 105 27.36 17.06 -17.28
C PRO C 105 27.88 16.75 -18.69
N GLY C 106 26.96 16.64 -19.64
CA GLY C 106 27.33 16.31 -21.02
C GLY C 106 26.93 14.90 -21.43
N ALA C 107 26.95 13.96 -20.49
CA ALA C 107 26.67 12.54 -20.76
C ALA C 107 25.18 12.29 -21.06
N PRO C 108 24.84 11.13 -21.66
CA PRO C 108 23.44 10.88 -22.02
C PRO C 108 22.47 10.93 -20.84
N THR C 109 21.22 11.31 -21.12
CA THR C 109 20.19 11.47 -20.09
C THR C 109 19.97 10.17 -19.31
N ALA C 110 20.13 9.03 -20.00
CA ALA C 110 19.98 7.72 -19.38
C ALA C 110 20.86 6.68 -20.09
N TYR C 111 21.18 5.60 -19.37
CA TYR C 111 21.71 4.36 -19.93
C TYR C 111 20.80 3.22 -19.49
N PHE C 112 20.48 2.31 -20.41
CA PHE C 112 19.86 1.03 -20.06
C PHE C 112 20.90 0.11 -19.44
N SER C 113 20.48 -0.64 -18.42
CA SER C 113 21.25 -1.75 -17.89
C SER C 113 21.62 -2.70 -19.03
N THR C 114 22.85 -3.17 -19.02
CA THR C 114 23.32 -4.14 -20.03
C THR C 114 23.36 -5.57 -19.48
N LEU C 115 22.83 -5.76 -18.28
CA LEU C 115 22.50 -7.10 -17.78
C LEU C 115 21.34 -7.67 -18.56
N PRO C 116 21.31 -9.00 -18.75
CA PRO C 116 20.14 -9.62 -19.39
C PRO C 116 18.93 -9.61 -18.44
N ILE C 117 18.37 -8.42 -18.22
CA ILE C 117 17.34 -8.22 -17.17
C ILE C 117 16.17 -9.21 -17.22
N LYS C 118 15.65 -9.47 -18.42
CA LYS C 118 14.50 -10.39 -18.58
C LYS C 118 14.84 -11.85 -18.30
N LYS C 119 16.03 -12.29 -18.72
CA LYS C 119 16.53 -13.62 -18.37
C LYS C 119 16.82 -13.77 -16.87
N ILE C 120 17.46 -12.78 -16.27
CA ILE C 120 17.62 -12.75 -14.81
C ILE C 120 16.27 -12.94 -14.07
N MET C 121 15.26 -12.15 -14.46
CA MET C 121 13.91 -12.24 -13.88
C MET C 121 13.25 -13.59 -14.09
N LYS C 122 13.39 -14.16 -15.29
CA LYS C 122 12.87 -15.49 -15.59
C LYS C 122 13.52 -16.54 -14.69
N LYS C 123 14.84 -16.46 -14.53
CA LYS C 123 15.57 -17.41 -13.71
C LYS C 123 15.23 -17.27 -12.21
N LEU C 124 15.05 -16.04 -11.74
CA LEU C 124 14.66 -15.80 -10.35
C LEU C 124 13.32 -16.46 -10.07
N HIS C 125 12.39 -16.31 -11.01
CA HIS C 125 11.07 -16.95 -10.92
C HIS C 125 11.11 -18.47 -10.86
N GLU C 126 11.94 -19.12 -11.69
CA GLU C 126 12.07 -20.58 -11.68
C GLU C 126 12.66 -21.11 -10.36
N ARG C 127 13.40 -20.24 -9.70
CA ARG C 127 14.05 -20.51 -8.42
C ARG C 127 13.11 -20.19 -7.23
N GLY C 128 11.88 -19.78 -7.53
CA GLY C 128 10.88 -19.45 -6.51
C GLY C 128 11.09 -18.12 -5.80
N ILE C 129 11.82 -17.21 -6.47
CA ILE C 129 12.17 -15.90 -5.92
C ILE C 129 11.37 -14.81 -6.63
N PRO C 130 10.45 -14.13 -5.91
CA PRO C 130 9.72 -13.03 -6.56
C PRO C 130 10.62 -11.85 -6.93
N ALA C 131 10.45 -11.37 -8.16
CA ALA C 131 11.33 -10.40 -8.80
C ALA C 131 10.51 -9.70 -9.88
N TYR C 132 10.80 -8.43 -10.09
CA TYR C 132 10.19 -7.69 -11.17
C TYR C 132 11.19 -6.66 -11.68
N ILE C 133 10.87 -6.07 -12.84
CA ILE C 133 11.69 -5.04 -13.45
C ILE C 133 11.22 -3.68 -12.91
N SER C 134 12.17 -2.94 -12.35
CA SER C 134 11.91 -1.57 -11.92
C SER C 134 12.35 -0.56 -12.99
N ASN C 135 11.54 0.48 -13.20
CA ASN C 135 11.88 1.48 -14.23
C ASN C 135 12.44 2.78 -13.67
N SER C 136 12.61 2.82 -12.35
CA SER C 136 13.31 3.91 -11.72
C SER C 136 14.09 3.40 -10.52
N ALA C 137 15.39 3.71 -10.49
CA ALA C 137 16.23 3.33 -9.36
C ALA C 137 16.24 4.38 -8.24
N GLY C 138 15.28 5.31 -8.29
CA GLY C 138 15.39 6.52 -7.46
C GLY C 138 16.43 7.45 -8.07
N LEU C 139 16.84 8.46 -7.32
CA LEU C 139 17.81 9.46 -7.78
C LEU C 139 18.77 9.81 -6.66
N TYR C 140 19.04 8.81 -5.81
CA TYR C 140 19.91 8.94 -4.68
C TYR C 140 21.15 8.12 -5.05
N LEU C 141 21.75 7.46 -4.06
CA LEU C 141 23.01 6.75 -4.27
C LEU C 141 22.97 5.48 -5.13
N SER C 142 21.87 4.74 -5.10
CA SER C 142 21.71 3.57 -6.01
C SER C 142 21.76 3.95 -7.49
N ASN C 143 20.97 4.94 -7.86
CA ASN C 143 20.95 5.42 -9.24
C ASN C 143 22.27 6.07 -9.65
N TYR C 144 22.86 6.82 -8.73
CA TYR C 144 24.16 7.45 -8.91
C TYR C 144 25.24 6.44 -9.31
N VAL C 145 25.32 5.35 -8.55
CA VAL C 145 26.26 4.25 -8.80
C VAL C 145 25.85 3.47 -10.06
N MET C 146 24.56 3.20 -10.23
CA MET C 146 24.11 2.55 -11.45
C MET C 146 24.52 3.32 -12.71
N TYR C 147 24.37 4.65 -12.67
CA TYR C 147 24.66 5.49 -13.82
C TYR C 147 26.15 5.57 -14.12
N LEU C 148 26.95 5.78 -13.08
CA LEU C 148 28.40 5.93 -13.22
C LEU C 148 29.07 4.66 -13.73
N SER C 149 28.54 3.51 -13.30
CA SER C 149 29.05 2.22 -13.74
C SER C 149 28.77 1.97 -15.23
N LEU C 150 27.56 2.30 -15.67
CA LEU C 150 27.22 2.16 -17.09
C LEU C 150 27.93 3.21 -17.95
N HIS C 151 28.15 4.38 -17.37
CA HIS C 151 28.91 5.43 -18.03
C HIS C 151 30.36 4.97 -18.21
N HIS C 152 30.90 4.34 -17.18
CA HIS C 152 32.23 3.75 -17.21
C HIS C 152 32.34 2.69 -18.30
N SER C 153 31.27 1.93 -18.46
CA SER C 153 31.22 0.88 -19.46
C SER C 153 31.29 1.45 -20.88
N ALA C 154 30.42 2.42 -21.16
CA ALA C 154 30.31 3.03 -22.49
C ALA C 154 31.57 3.81 -22.88
N THR C 155 32.21 4.40 -21.87
CA THR C 155 33.36 5.28 -22.00
C THR C 155 34.72 4.54 -22.08
N LYS C 156 34.87 3.42 -21.37
CA LYS C 156 36.14 2.70 -21.34
C LYS C 156 36.07 1.28 -21.90
N GLY C 157 34.88 0.82 -22.21
CA GLY C 157 34.68 -0.50 -22.78
C GLY C 157 34.54 -1.62 -21.75
N TYR C 158 34.78 -1.29 -20.48
CA TYR C 158 34.57 -2.25 -19.39
C TYR C 158 33.92 -1.54 -18.20
N PRO C 159 33.11 -2.26 -17.38
CA PRO C 159 32.64 -3.64 -17.56
C PRO C 159 31.71 -3.77 -18.76
N LYS C 160 31.65 -4.97 -19.35
CA LYS C 160 30.80 -5.20 -20.53
C LYS C 160 29.33 -5.25 -20.12
N MET C 161 29.07 -5.87 -18.98
CA MET C 161 27.73 -5.91 -18.40
C MET C 161 27.72 -5.17 -17.08
N SER C 162 26.76 -4.25 -16.97
CA SER C 162 26.59 -3.47 -15.74
C SER C 162 25.11 -3.35 -15.45
N GLY C 163 24.74 -3.45 -14.19
CA GLY C 163 23.36 -3.27 -13.80
C GLY C 163 23.17 -3.18 -12.30
N PHE C 164 21.91 -3.06 -11.89
CA PHE C 164 21.60 -2.79 -10.48
C PHE C 164 20.46 -3.66 -10.01
N ILE C 165 20.62 -4.20 -8.80
CA ILE C 165 19.58 -4.99 -8.15
C ILE C 165 19.24 -4.38 -6.80
N HIS C 166 17.94 -4.10 -6.60
CA HIS C 166 17.41 -3.64 -5.31
C HIS C 166 16.75 -4.78 -4.51
N VAL C 167 17.03 -4.80 -3.20
CA VAL C 167 16.50 -5.81 -2.29
C VAL C 167 15.58 -5.15 -1.24
N PRO C 168 14.49 -5.86 -0.84
CA PRO C 168 13.65 -5.37 0.24
C PRO C 168 14.38 -5.40 1.58
N TYR C 169 13.79 -4.78 2.60
CA TYR C 169 14.26 -4.97 3.96
C TYR C 169 14.36 -6.48 4.25
N ILE C 170 15.28 -6.87 5.12
CA ILE C 170 15.23 -8.21 5.70
C ILE C 170 14.41 -8.19 6.99
N PRO C 171 13.85 -9.36 7.39
CA PRO C 171 12.87 -9.35 8.49
C PRO C 171 13.36 -8.70 9.79
N GLU C 172 14.62 -8.91 10.17
CA GLU C 172 15.13 -8.28 11.40
C GLU C 172 15.12 -6.74 11.38
N GLN C 173 15.11 -6.12 10.21
CA GLN C 173 15.00 -4.65 10.12
C GLN C 173 13.59 -4.13 10.43
N ILE C 174 12.60 -5.01 10.33
CA ILE C 174 11.20 -4.65 10.48
C ILE C 174 10.78 -4.48 11.96
N ILE C 175 11.46 -5.18 12.85
CA ILE C 175 11.07 -5.33 14.26
C ILE C 175 10.86 -3.97 14.95
N ASP C 176 11.83 -3.07 14.82
CA ASP C 176 11.78 -1.76 15.48
C ASP C 176 10.74 -0.83 14.86
N LYS C 177 10.22 -1.21 13.71
CA LYS C 177 9.24 -0.41 12.98
C LYS C 177 7.80 -0.70 13.36
N ILE C 178 7.56 -1.77 14.11
CA ILE C 178 6.19 -2.18 14.46
C ILE C 178 5.56 -1.18 15.47
N GLY C 179 6.33 -0.75 16.46
CA GLY C 179 5.91 0.39 17.31
C GLY C 179 5.47 1.61 16.48
N LYS C 180 6.34 2.04 15.56
CA LYS C 180 6.08 3.15 14.62
C LYS C 180 4.77 3.04 13.82
N GLY C 181 4.01 1.98 14.02
CA GLY C 181 2.78 1.78 13.26
C GLY C 181 2.97 0.90 12.03
N GLN C 182 2.89 1.50 10.84
CA GLN C 182 2.94 0.77 9.57
C GLN C 182 4.10 -0.26 9.47
N VAL C 183 3.88 -1.33 8.68
CA VAL C 183 4.78 -2.48 8.69
C VAL C 183 5.20 -2.91 7.28
N PRO C 184 6.41 -2.47 6.87
CA PRO C 184 6.92 -2.68 5.50
C PRO C 184 7.17 -4.14 5.17
N PRO C 185 7.10 -4.49 3.87
CA PRO C 185 7.45 -5.83 3.41
C PRO C 185 8.93 -6.16 3.64
N SER C 186 9.23 -7.45 3.68
CA SER C 186 10.60 -7.90 3.87
C SER C 186 10.87 -9.18 3.10
N MET C 187 12.13 -9.57 3.03
CA MET C 187 12.52 -10.83 2.39
C MET C 187 13.67 -11.42 3.18
N SER C 188 13.71 -12.75 3.30
CA SER C 188 14.78 -13.40 4.03
C SER C 188 16.14 -13.07 3.41
N TYR C 189 17.14 -12.90 4.27
CA TYR C 189 18.49 -12.62 3.82
C TYR C 189 19.02 -13.71 2.89
N GLU C 190 18.77 -14.96 3.27
CA GLU C 190 19.18 -16.13 2.47
C GLU C 190 18.64 -16.07 1.04
N MET C 191 17.36 -15.71 0.89
CA MET C 191 16.76 -15.59 -0.44
C MET C 191 17.37 -14.42 -1.24
N GLU C 192 17.67 -13.33 -0.55
CA GLU C 192 18.29 -12.15 -1.12
C GLU C 192 19.71 -12.39 -1.60
N LEU C 193 20.49 -13.13 -0.83
CA LEU C 193 21.83 -13.52 -1.25
C LEU C 193 21.76 -14.40 -2.52
N GLU C 194 20.92 -15.43 -2.48
CA GLU C 194 20.69 -16.25 -3.65
C GLU C 194 20.28 -15.41 -4.87
N ALA C 195 19.47 -14.39 -4.64
CA ALA C 195 18.94 -13.54 -5.71
C ALA C 195 19.94 -12.61 -6.39
N VAL C 196 21.14 -12.44 -5.85
CA VAL C 196 22.15 -11.67 -6.56
C VAL C 196 23.15 -12.58 -7.26
N LYS C 197 23.24 -13.84 -6.79
CA LYS C 197 24.03 -14.89 -7.43
C LYS C 197 23.48 -15.30 -8.79
N VAL C 198 22.16 -15.31 -8.90
CA VAL C 198 21.48 -15.71 -10.13
C VAL C 198 21.86 -14.75 -11.26
N PRO C 199 21.71 -13.43 -11.05
CA PRO C 199 22.27 -12.43 -11.99
C PRO C 199 23.72 -12.68 -12.44
N ILE C 200 24.58 -13.12 -11.52
CA ILE C 200 25.97 -13.42 -11.87
C ILE C 200 25.95 -14.61 -12.82
N GLU C 201 25.23 -15.65 -12.44
CA GLU C 201 25.10 -16.87 -13.23
C GLU C 201 24.53 -16.65 -14.61
N VAL C 202 23.42 -15.92 -14.75
CA VAL C 202 22.84 -15.79 -16.09
C VAL C 202 23.64 -14.82 -16.97
N ALA C 203 24.28 -13.83 -16.34
CA ALA C 203 25.18 -12.92 -17.03
C ALA C 203 26.45 -13.62 -17.56
N LEU C 204 27.08 -14.46 -16.74
CA LEU C 204 28.23 -15.26 -17.19
C LEU C 204 27.88 -16.13 -18.38
N GLU C 205 26.72 -16.78 -18.31
CA GLU C 205 26.25 -17.63 -19.39
C GLU C 205 25.95 -16.83 -20.66
N GLU C 206 25.50 -15.59 -20.49
CA GLU C 206 25.20 -14.73 -21.62
C GLU C 206 26.48 -14.33 -22.34
N LEU C 207 27.49 -13.90 -21.58
CA LEU C 207 28.81 -13.59 -22.13
C LEU C 207 29.53 -14.88 -22.55
N LEU C 208 29.39 -15.25 -23.82
CA LEU C 208 29.92 -16.53 -24.33
C LEU C 208 29.65 -17.68 -23.35
N MET D 1 0.14 32.78 -27.88
CA MET D 1 0.61 31.44 -27.44
C MET D 1 -0.44 30.35 -27.67
N LYS D 2 0.05 29.14 -27.93
CA LYS D 2 -0.84 27.97 -28.02
C LYS D 2 -0.40 26.84 -27.09
N VAL D 3 -1.39 26.24 -26.46
CA VAL D 3 -1.20 25.19 -25.51
C VAL D 3 -2.02 24.04 -25.98
N LEU D 4 -1.36 22.89 -26.17
CA LEU D 4 -2.05 21.63 -26.40
C LEU D 4 -2.17 20.88 -25.07
N VAL D 5 -3.36 20.35 -24.82
CA VAL D 5 -3.59 19.45 -23.72
C VAL D 5 -4.18 18.17 -24.33
N THR D 6 -3.52 17.04 -24.10
CA THR D 6 -4.11 15.77 -24.50
C THR D 6 -4.62 15.01 -23.29
N GLY D 7 -5.67 14.24 -23.52
CA GLY D 7 -6.15 13.22 -22.60
C GLY D 7 -6.15 11.89 -23.34
N PHE D 8 -6.51 10.82 -22.64
CA PHE D 8 -6.66 9.51 -23.26
C PHE D 8 -8.10 9.04 -23.13
N GLU D 9 -8.51 8.15 -24.02
CA GLU D 9 -9.80 7.47 -23.92
C GLU D 9 -9.77 6.38 -22.83
N PRO D 10 -10.93 5.76 -22.52
CA PRO D 10 -10.95 4.64 -21.57
C PRO D 10 -10.09 3.46 -22.05
N PHE D 11 -9.52 2.72 -21.10
CA PHE D 11 -8.68 1.56 -21.39
C PHE D 11 -8.74 0.59 -20.20
N GLY D 12 -8.21 -0.62 -20.39
CA GLY D 12 -8.17 -1.66 -19.34
C GLY D 12 -9.50 -2.04 -18.73
N GLY D 13 -10.56 -1.96 -19.52
CA GLY D 13 -11.89 -2.30 -19.03
C GLY D 13 -12.57 -1.28 -18.13
N GLU D 14 -11.94 -0.11 -17.95
CA GLU D 14 -12.58 1.03 -17.25
C GLU D 14 -13.69 1.65 -18.08
N LYS D 15 -14.78 2.05 -17.43
CA LYS D 15 -15.89 2.75 -18.11
C LYS D 15 -15.46 4.18 -18.57
N ILE D 16 -14.57 4.80 -17.80
CA ILE D 16 -14.21 6.19 -18.00
C ILE D 16 -12.69 6.42 -17.93
N ASN D 17 -12.26 7.54 -18.53
CA ASN D 17 -10.95 8.10 -18.31
C ASN D 17 -11.14 9.57 -17.94
N PRO D 18 -10.75 9.96 -16.70
CA PRO D 18 -10.92 11.38 -16.30
C PRO D 18 -10.19 12.37 -17.23
N THR D 19 -9.06 11.95 -17.79
CA THR D 19 -8.26 12.82 -18.66
C THR D 19 -8.93 13.14 -20.02
N GLU D 20 -9.89 12.30 -20.41
CA GLU D 20 -10.73 12.54 -21.58
C GLU D 20 -11.64 13.73 -21.29
N ARG D 21 -12.32 13.70 -20.13
CA ARG D 21 -13.12 14.82 -19.64
C ARG D 21 -12.31 16.10 -19.51
N ILE D 22 -11.06 15.98 -19.02
CA ILE D 22 -10.19 17.14 -18.81
C ILE D 22 -9.82 17.84 -20.11
N ALA D 23 -9.40 17.07 -21.12
CA ALA D 23 -9.07 17.61 -22.44
C ALA D 23 -10.28 18.31 -23.06
N LYS D 24 -11.45 17.68 -22.94
CA LYS D 24 -12.70 18.23 -23.46
C LYS D 24 -13.18 19.48 -22.74
N ASP D 25 -12.92 19.55 -21.43
CA ASP D 25 -13.25 20.73 -20.63
C ASP D 25 -12.32 21.92 -20.90
N LEU D 26 -11.03 21.65 -21.04
CA LEU D 26 -10.05 22.70 -21.27
C LEU D 26 -10.02 23.17 -22.73
N ASP D 27 -10.62 22.39 -23.63
CA ASP D 27 -10.64 22.72 -25.06
C ASP D 27 -11.38 24.03 -25.35
N GLY D 28 -10.68 24.94 -26.04
CA GLY D 28 -11.30 26.18 -26.48
C GLY D 28 -11.22 27.31 -25.48
N ILE D 29 -10.78 27.02 -24.25
CA ILE D 29 -10.68 28.06 -23.23
C ILE D 29 -9.38 28.82 -23.38
N LYS D 30 -9.30 29.98 -22.74
CA LYS D 30 -8.11 30.79 -22.77
C LYS D 30 -7.59 30.99 -21.37
N ILE D 31 -6.29 30.84 -21.22
CA ILE D 31 -5.60 31.08 -19.97
C ILE D 31 -4.68 32.25 -20.26
N GLY D 32 -5.05 33.44 -19.79
CA GLY D 32 -4.32 34.68 -20.07
C GLY D 32 -4.41 34.99 -21.55
N ASP D 33 -3.24 35.07 -22.20
CA ASP D 33 -3.21 35.33 -23.66
C ASP D 33 -3.36 34.08 -24.53
N ALA D 34 -3.01 32.91 -23.97
CA ALA D 34 -2.91 31.66 -24.74
C ALA D 34 -4.22 30.97 -25.06
N GLN D 35 -4.34 30.46 -26.28
CA GLN D 35 -5.45 29.56 -26.63
C GLN D 35 -5.13 28.12 -26.26
N VAL D 36 -6.10 27.45 -25.63
CA VAL D 36 -5.92 26.09 -25.22
C VAL D 36 -6.73 25.19 -26.15
N PHE D 37 -6.03 24.20 -26.69
CA PHE D 37 -6.64 23.15 -27.49
C PHE D 37 -6.64 21.85 -26.67
N GLY D 38 -7.77 21.15 -26.66
CA GLY D 38 -7.89 19.90 -25.92
C GLY D 38 -8.23 18.71 -26.81
N ARG D 39 -7.29 17.77 -26.92
CA ARG D 39 -7.44 16.62 -27.81
C ARG D 39 -7.37 15.28 -27.08
N VAL D 40 -8.25 14.35 -27.45
CA VAL D 40 -8.23 13.01 -26.88
C VAL D 40 -7.47 12.01 -27.78
N LEU D 41 -6.43 11.40 -27.21
CA LEU D 41 -5.63 10.35 -27.86
C LEU D 41 -6.20 8.95 -27.66
N PRO D 42 -6.06 8.08 -28.67
CA PRO D 42 -6.45 6.69 -28.46
C PRO D 42 -5.39 5.91 -27.66
N VAL D 43 -5.84 4.96 -26.83
CA VAL D 43 -4.89 4.11 -26.09
C VAL D 43 -4.51 2.93 -26.98
N VAL D 44 -3.80 3.25 -28.07
CA VAL D 44 -3.45 2.29 -29.11
C VAL D 44 -2.04 2.64 -29.59
N PHE D 45 -1.16 1.65 -29.60
CA PHE D 45 0.20 1.84 -30.14
C PHE D 45 0.17 2.03 -31.68
N GLY D 46 1.02 2.91 -32.19
CA GLY D 46 0.99 3.29 -33.62
C GLY D 46 -0.03 4.40 -33.89
N LYS D 47 -1.32 4.09 -33.77
CA LYS D 47 -2.38 5.08 -33.92
C LYS D 47 -2.24 6.34 -33.06
N ALA D 48 -1.98 6.19 -31.76
CA ALA D 48 -1.75 7.35 -30.90
C ALA D 48 -0.62 8.25 -31.43
N LYS D 49 0.45 7.62 -31.94
CA LYS D 49 1.59 8.34 -32.53
C LYS D 49 1.19 9.18 -33.75
N GLU D 50 0.41 8.55 -34.63
CA GLU D 50 -0.09 9.20 -35.83
C GLU D 50 -0.98 10.37 -35.48
N VAL D 51 -1.93 10.15 -34.57
CA VAL D 51 -2.84 11.19 -34.10
C VAL D 51 -2.05 12.33 -33.44
N LEU D 52 -1.03 11.98 -32.65
CA LEU D 52 -0.23 12.96 -31.91
C LEU D 52 0.61 13.84 -32.83
N GLU D 53 1.23 13.24 -33.84
CA GLU D 53 2.02 14.00 -34.80
C GLU D 53 1.14 14.88 -35.69
N LYS D 54 0.01 14.35 -36.14
CA LYS D 54 -0.94 15.16 -36.91
C LYS D 54 -1.40 16.37 -36.09
N THR D 55 -1.74 16.14 -34.82
CA THR D 55 -2.21 17.21 -33.91
C THR D 55 -1.14 18.28 -33.67
N LEU D 56 0.08 17.84 -33.41
CA LEU D 56 1.21 18.75 -33.22
C LEU D 56 1.50 19.59 -34.47
N GLU D 57 1.52 18.95 -35.64
CA GLU D 57 1.79 19.63 -36.91
C GLU D 57 0.63 20.57 -37.27
N GLU D 58 -0.59 20.13 -37.01
CA GLU D 58 -1.79 20.96 -37.20
C GLU D 58 -1.78 22.23 -36.33
N ILE D 59 -1.60 22.05 -35.02
CA ILE D 59 -1.79 23.14 -34.05
C ILE D 59 -0.52 23.97 -33.85
N LYS D 60 0.63 23.31 -34.01
CA LYS D 60 1.93 23.90 -33.67
C LYS D 60 1.93 24.61 -32.30
N PRO D 61 1.64 23.87 -31.22
CA PRO D 61 1.63 24.49 -29.90
C PRO D 61 3.00 24.89 -29.40
N ASP D 62 3.03 25.92 -28.56
CA ASP D 62 4.23 26.34 -27.86
C ASP D 62 4.45 25.46 -26.64
N ILE D 63 3.35 24.97 -26.06
CA ILE D 63 3.39 24.13 -24.88
C ILE D 63 2.48 22.93 -25.13
N ALA D 64 3.03 21.73 -24.88
CA ALA D 64 2.23 20.51 -24.86
C ALA D 64 2.19 19.95 -23.42
N ILE D 65 0.99 19.77 -22.88
CA ILE D 65 0.83 19.12 -21.56
C ILE D 65 -0.02 17.88 -21.81
N HIS D 66 0.59 16.71 -21.62
CA HIS D 66 -0.06 15.42 -21.87
C HIS D 66 -0.50 14.81 -20.56
N VAL D 67 -1.74 14.34 -20.52
CA VAL D 67 -2.37 13.95 -19.25
C VAL D 67 -2.82 12.49 -19.37
N GLY D 68 -2.52 11.70 -18.34
CA GLY D 68 -2.92 10.30 -18.32
C GLY D 68 -3.50 9.84 -17.00
N LEU D 69 -4.24 8.74 -17.04
CA LEU D 69 -4.72 8.06 -15.82
C LEU D 69 -3.62 7.17 -15.23
N ALA D 70 -3.31 7.36 -13.95
CA ALA D 70 -2.42 6.44 -13.24
C ALA D 70 -3.17 5.72 -12.11
N PRO D 71 -3.82 4.58 -12.40
CA PRO D 71 -4.53 3.80 -11.38
C PRO D 71 -3.68 3.48 -10.15
N GLY D 72 -4.20 3.76 -8.97
CA GLY D 72 -3.47 3.43 -7.74
C GLY D 72 -2.61 4.57 -7.22
N ARG D 73 -2.38 5.58 -8.05
CA ARG D 73 -1.68 6.78 -7.59
C ARG D 73 -2.63 7.65 -6.77
N SER D 74 -2.08 8.31 -5.76
CA SER D 74 -2.89 8.94 -4.72
C SER D 74 -2.80 10.47 -4.71
N ALA D 75 -1.85 10.98 -5.49
CA ALA D 75 -1.74 12.42 -5.71
C ALA D 75 -1.38 12.66 -7.18
N ILE D 76 -1.50 13.91 -7.60
CA ILE D 76 -1.05 14.36 -8.93
C ILE D 76 0.46 14.07 -9.06
N SER D 77 0.86 13.54 -10.21
CA SER D 77 2.29 13.28 -10.45
C SER D 77 2.77 13.93 -11.75
N ILE D 78 3.94 14.54 -11.67
CA ILE D 78 4.54 15.27 -12.77
C ILE D 78 5.75 14.43 -13.22
N GLU D 79 5.69 13.94 -14.45
CA GLU D 79 6.74 13.05 -14.98
C GLU D 79 8.03 13.80 -15.31
N ARG D 80 9.13 13.30 -14.76
CA ARG D 80 10.43 13.91 -14.99
C ARG D 80 11.09 13.35 -16.26
N ILE D 81 10.83 12.09 -16.60
CA ILE D 81 11.62 11.37 -17.60
C ILE D 81 10.71 10.56 -18.52
N ALA D 82 10.98 10.67 -19.82
CA ALA D 82 10.34 9.84 -20.83
C ALA D 82 11.39 8.90 -21.36
N VAL D 83 11.05 7.62 -21.48
CA VAL D 83 12.02 6.56 -21.76
C VAL D 83 11.78 5.90 -23.13
N ASN D 84 12.84 5.75 -23.93
CA ASN D 84 12.76 5.14 -25.27
C ASN D 84 12.51 3.62 -25.29
N ALA D 85 11.37 3.20 -24.74
CA ALA D 85 11.05 1.77 -24.65
C ALA D 85 9.57 1.55 -24.51
N ILE D 86 9.13 0.39 -24.97
CA ILE D 86 7.77 -0.06 -24.84
C ILE D 86 7.84 -1.43 -24.19
N ASP D 87 7.15 -1.57 -23.05
CA ASP D 87 7.01 -2.87 -22.40
C ASP D 87 5.66 -2.95 -21.74
N ALA D 88 4.66 -3.27 -22.55
CA ALA D 88 3.28 -3.24 -22.14
C ALA D 88 2.91 -4.33 -21.13
N ARG D 89 2.42 -3.90 -19.97
CA ARG D 89 1.95 -4.79 -18.90
C ARG D 89 0.57 -5.36 -19.24
N ILE D 90 -0.15 -4.64 -20.11
CA ILE D 90 -1.48 -5.05 -20.59
C ILE D 90 -1.55 -4.71 -22.09
N PRO D 91 -2.47 -5.36 -22.84
CA PRO D 91 -2.62 -4.97 -24.25
C PRO D 91 -3.18 -3.55 -24.39
N ASP D 92 -2.85 -2.87 -25.50
CA ASP D 92 -3.52 -1.60 -25.81
C ASP D 92 -4.99 -1.86 -26.17
N ASN D 93 -5.72 -0.82 -26.57
CA ASN D 93 -7.14 -0.97 -26.91
C ASN D 93 -7.46 -1.79 -28.17
N GLU D 94 -6.43 -2.14 -28.95
CA GLU D 94 -6.62 -3.06 -30.10
C GLU D 94 -6.05 -4.46 -29.83
N GLY D 95 -5.64 -4.69 -28.59
CA GLY D 95 -5.15 -6.00 -28.16
C GLY D 95 -3.67 -6.23 -28.40
N LYS D 96 -2.93 -5.17 -28.75
CA LYS D 96 -1.49 -5.25 -28.97
C LYS D 96 -0.73 -5.07 -27.66
N LYS D 97 0.00 -6.11 -27.26
CA LYS D 97 0.80 -6.07 -26.04
C LYS D 97 2.28 -6.16 -26.43
N ILE D 98 2.80 -5.05 -26.93
CA ILE D 98 4.19 -4.92 -27.37
C ILE D 98 5.18 -4.98 -26.21
N GLU D 99 6.11 -5.93 -26.28
CA GLU D 99 7.10 -6.14 -25.23
C GLU D 99 8.52 -5.96 -25.75
N ASP D 100 9.35 -5.27 -24.98
CA ASP D 100 10.78 -5.08 -25.27
C ASP D 100 11.10 -4.52 -26.66
N GLU D 101 10.66 -3.28 -26.91
CA GLU D 101 10.87 -2.63 -28.20
C GLU D 101 11.21 -1.14 -27.99
N PRO D 102 12.02 -0.55 -28.89
CA PRO D 102 12.23 0.89 -28.79
C PRO D 102 10.98 1.67 -29.21
N ILE D 103 10.89 2.94 -28.81
CA ILE D 103 9.82 3.78 -29.33
C ILE D 103 10.34 4.32 -30.67
N VAL D 104 11.53 4.93 -30.63
CA VAL D 104 12.21 5.43 -31.83
C VAL D 104 13.66 4.89 -31.89
N PRO D 105 13.94 3.97 -32.84
CA PRO D 105 15.30 3.40 -32.98
C PRO D 105 16.38 4.44 -33.30
N GLY D 106 17.45 4.44 -32.51
CA GLY D 106 18.54 5.40 -32.71
C GLY D 106 18.43 6.66 -31.86
N ALA D 107 17.20 7.01 -31.48
CA ALA D 107 16.95 8.20 -30.67
C ALA D 107 17.45 7.99 -29.21
N PRO D 108 17.59 9.08 -28.42
CA PRO D 108 18.18 8.87 -27.08
C PRO D 108 17.33 7.98 -26.15
N THR D 109 18.00 7.38 -25.17
CA THR D 109 17.38 6.45 -24.24
C THR D 109 16.24 7.13 -23.47
N ALA D 110 16.48 8.38 -23.10
CA ALA D 110 15.51 9.18 -22.36
C ALA D 110 15.58 10.68 -22.71
N TYR D 111 14.46 11.36 -22.48
CA TYR D 111 14.36 12.83 -22.53
C TYR D 111 13.79 13.34 -21.22
N PHE D 112 14.41 14.38 -20.66
CA PHE D 112 13.82 15.09 -19.53
C PHE D 112 12.64 15.96 -19.97
N SER D 113 11.56 15.96 -19.17
CA SER D 113 10.47 16.91 -19.39
C SER D 113 11.01 18.34 -19.40
N THR D 114 10.42 19.18 -20.24
CA THR D 114 10.87 20.57 -20.38
C THR D 114 9.88 21.53 -19.74
N LEU D 115 8.84 20.97 -19.11
CA LEU D 115 8.02 21.72 -18.18
C LEU D 115 8.84 22.15 -16.95
N PRO D 116 8.51 23.32 -16.35
CA PRO D 116 9.21 23.67 -15.12
C PRO D 116 8.63 22.87 -13.94
N ILE D 117 8.95 21.58 -13.91
CA ILE D 117 8.33 20.57 -13.05
C ILE D 117 8.28 20.87 -11.54
N LYS D 118 9.37 21.44 -11.02
CA LYS D 118 9.47 21.79 -9.61
C LYS D 118 8.66 23.02 -9.25
N LYS D 119 8.56 23.95 -10.21
CA LYS D 119 7.74 25.15 -10.04
C LYS D 119 6.26 24.81 -10.13
N ILE D 120 5.91 23.89 -11.00
CA ILE D 120 4.55 23.35 -11.12
C ILE D 120 4.11 22.66 -9.81
N MET D 121 5.00 21.86 -9.23
CA MET D 121 4.73 21.19 -7.97
C MET D 121 4.52 22.18 -6.80
N LYS D 122 5.39 23.17 -6.70
CA LYS D 122 5.30 24.24 -5.70
C LYS D 122 3.97 25.01 -5.83
N LYS D 123 3.58 25.34 -7.06
CA LYS D 123 2.34 26.04 -7.27
C LYS D 123 1.13 25.17 -6.93
N LEU D 124 1.21 23.88 -7.24
CA LEU D 124 0.13 22.94 -6.93
C LEU D 124 -0.07 22.79 -5.41
N HIS D 125 1.02 22.72 -4.66
CA HIS D 125 0.98 22.67 -3.20
C HIS D 125 0.30 23.86 -2.55
N GLU D 126 0.69 25.07 -2.94
CA GLU D 126 0.11 26.28 -2.35
C GLU D 126 -1.34 26.50 -2.75
N ARG D 127 -1.79 25.74 -3.75
CA ARG D 127 -3.17 25.72 -4.18
C ARG D 127 -3.95 24.61 -3.45
N GLY D 128 -3.25 23.87 -2.59
CA GLY D 128 -3.82 22.79 -1.80
C GLY D 128 -3.96 21.46 -2.52
N ILE D 129 -3.19 21.28 -3.60
CA ILE D 129 -3.29 20.07 -4.42
C ILE D 129 -2.03 19.20 -4.19
N PRO D 130 -2.24 17.99 -3.64
CA PRO D 130 -1.12 17.07 -3.39
C PRO D 130 -0.50 16.66 -4.74
N ALA D 131 0.83 16.74 -4.83
CA ALA D 131 1.54 16.52 -6.08
C ALA D 131 2.98 16.13 -5.78
N TYR D 132 3.53 15.23 -6.57
CA TYR D 132 4.96 14.90 -6.45
C TYR D 132 5.61 14.69 -7.82
N ILE D 133 6.94 14.57 -7.80
CA ILE D 133 7.73 14.24 -9.00
C ILE D 133 7.86 12.71 -9.16
N SER D 134 7.30 12.20 -10.25
CA SER D 134 7.45 10.80 -10.65
C SER D 134 8.65 10.64 -11.58
N ASN D 135 9.40 9.55 -11.40
CA ASN D 135 10.61 9.31 -12.19
C ASN D 135 10.45 8.19 -13.22
N SER D 136 9.23 7.71 -13.38
CA SER D 136 8.92 6.75 -14.41
C SER D 136 7.44 6.88 -14.71
N ALA D 137 7.14 7.03 -16.01
CA ALA D 137 5.78 7.21 -16.49
C ALA D 137 5.17 5.88 -16.93
N GLY D 138 5.85 4.79 -16.58
CA GLY D 138 5.49 3.46 -17.06
C GLY D 138 6.14 3.26 -18.40
N LEU D 139 5.71 2.21 -19.12
CA LEU D 139 6.21 1.90 -20.47
C LEU D 139 5.04 1.47 -21.38
N TYR D 140 3.87 2.02 -21.07
CA TYR D 140 2.66 1.80 -21.85
C TYR D 140 2.41 3.09 -22.67
N LEU D 141 1.15 3.50 -22.82
CA LEU D 141 0.78 4.62 -23.71
C LEU D 141 1.10 6.02 -23.24
N SER D 142 1.04 6.25 -21.92
CA SER D 142 1.46 7.51 -21.31
C SER D 142 2.90 7.88 -21.66
N ASN D 143 3.83 6.98 -21.36
CA ASN D 143 5.26 7.21 -21.63
C ASN D 143 5.60 7.32 -23.13
N TYR D 144 4.91 6.53 -23.94
CA TYR D 144 5.02 6.51 -25.39
C TYR D 144 4.76 7.91 -25.94
N VAL D 145 3.58 8.45 -25.61
CA VAL D 145 3.20 9.82 -25.96
C VAL D 145 4.18 10.85 -25.37
N MET D 146 4.55 10.70 -24.10
CA MET D 146 5.46 11.63 -23.47
C MET D 146 6.83 11.66 -24.17
N TYR D 147 7.27 10.48 -24.62
CA TYR D 147 8.54 10.36 -25.33
C TYR D 147 8.42 10.95 -26.73
N LEU D 148 7.39 10.55 -27.47
CA LEU D 148 7.20 11.04 -28.84
C LEU D 148 7.08 12.56 -28.87
N SER D 149 6.36 13.13 -27.90
CA SER D 149 6.23 14.58 -27.77
C SER D 149 7.58 15.30 -27.55
N LEU D 150 8.37 14.80 -26.60
CA LEU D 150 9.67 15.42 -26.28
C LEU D 150 10.71 15.22 -27.40
N HIS D 151 10.57 14.10 -28.10
CA HIS D 151 11.35 13.82 -29.29
C HIS D 151 11.00 14.77 -30.45
N HIS D 152 9.71 15.05 -30.62
CA HIS D 152 9.19 15.99 -31.62
C HIS D 152 9.77 17.38 -31.38
N SER D 153 9.80 17.78 -30.11
CA SER D 153 10.35 19.06 -29.69
C SER D 153 11.84 19.18 -30.01
N ALA D 154 12.61 18.15 -29.64
CA ALA D 154 14.05 18.11 -29.89
C ALA D 154 14.40 18.08 -31.38
N THR D 155 13.47 17.57 -32.18
CA THR D 155 13.67 17.26 -33.59
C THR D 155 13.13 18.36 -34.54
N LYS D 156 11.98 18.93 -34.17
CA LYS D 156 11.23 19.88 -35.00
C LYS D 156 11.24 21.31 -34.44
N GLY D 157 11.75 21.47 -33.23
CA GLY D 157 11.89 22.79 -32.62
C GLY D 157 10.62 23.36 -32.02
N TYR D 158 9.59 22.52 -31.91
CA TYR D 158 8.38 22.86 -31.18
C TYR D 158 7.66 21.53 -30.78
N PRO D 159 6.84 21.56 -29.71
CA PRO D 159 6.64 22.65 -28.73
C PRO D 159 7.92 22.99 -27.99
N LYS D 160 8.03 24.21 -27.47
CA LYS D 160 9.22 24.59 -26.72
C LYS D 160 9.22 23.88 -25.37
N MET D 161 8.01 23.63 -24.85
CA MET D 161 7.83 22.91 -23.59
C MET D 161 6.90 21.75 -23.78
N SER D 162 7.28 20.63 -23.22
CA SER D 162 6.46 19.42 -23.31
C SER D 162 6.66 18.61 -22.02
N GLY D 163 5.59 17.96 -21.58
CA GLY D 163 5.67 17.12 -20.40
C GLY D 163 4.40 16.35 -20.14
N PHE D 164 4.37 15.63 -19.02
CA PHE D 164 3.32 14.69 -18.71
C PHE D 164 2.86 14.79 -17.26
N ILE D 165 1.54 14.78 -17.08
CA ILE D 165 0.90 14.81 -15.77
C ILE D 165 0.02 13.57 -15.64
N HIS D 166 0.26 12.76 -14.61
CA HIS D 166 -0.63 11.61 -14.32
C HIS D 166 -1.58 11.94 -13.19
N VAL D 167 -2.84 11.53 -13.38
CA VAL D 167 -3.88 11.76 -12.40
C VAL D 167 -4.35 10.43 -11.77
N PRO D 168 -4.76 10.46 -10.49
CA PRO D 168 -5.38 9.28 -9.90
C PRO D 168 -6.78 9.01 -10.48
N TYR D 169 -7.34 7.84 -10.16
CA TYR D 169 -8.78 7.62 -10.35
C TYR D 169 -9.60 8.78 -9.75
N ILE D 170 -10.75 9.06 -10.35
CA ILE D 170 -11.74 9.93 -9.72
C ILE D 170 -12.65 9.02 -8.88
N PRO D 171 -13.25 9.58 -7.81
CA PRO D 171 -14.09 8.78 -6.88
C PRO D 171 -15.10 7.83 -7.54
N GLU D 172 -15.73 8.22 -8.64
CA GLU D 172 -16.77 7.38 -9.24
C GLU D 172 -16.22 6.09 -9.87
N GLN D 173 -14.94 6.07 -10.20
CA GLN D 173 -14.30 4.88 -10.76
C GLN D 173 -14.05 3.83 -9.68
N ILE D 174 -14.04 4.27 -8.42
CA ILE D 174 -13.71 3.41 -7.30
C ILE D 174 -14.88 2.53 -6.89
N ILE D 175 -16.10 2.95 -7.23
CA ILE D 175 -17.31 2.33 -6.70
C ILE D 175 -17.44 0.85 -7.05
N ASP D 176 -17.18 0.50 -8.32
CA ASP D 176 -17.27 -0.88 -8.80
C ASP D 176 -16.15 -1.77 -8.26
N LYS D 177 -15.05 -1.17 -7.84
CA LYS D 177 -13.89 -1.91 -7.33
C LYS D 177 -14.01 -2.32 -5.86
N ILE D 178 -15.02 -1.82 -5.17
CA ILE D 178 -15.19 -2.11 -3.74
C ILE D 178 -15.59 -3.57 -3.48
N GLY D 179 -16.63 -4.06 -4.16
CA GLY D 179 -17.01 -5.47 -4.03
C GLY D 179 -15.88 -6.47 -4.31
N LYS D 180 -14.89 -6.04 -5.10
CA LYS D 180 -13.90 -6.95 -5.69
C LYS D 180 -12.49 -6.95 -5.05
N GLY D 181 -12.35 -6.51 -3.81
CA GLY D 181 -11.04 -6.57 -3.14
C GLY D 181 -10.49 -5.24 -2.64
N GLN D 182 -9.26 -4.92 -3.02
CA GLN D 182 -8.59 -3.69 -2.57
C GLN D 182 -9.24 -2.39 -3.11
N VAL D 183 -9.05 -1.27 -2.39
CA VAL D 183 -9.73 0.00 -2.70
C VAL D 183 -8.73 1.11 -3.04
N PRO D 184 -8.51 1.34 -4.35
CA PRO D 184 -7.58 2.36 -4.81
C PRO D 184 -7.88 3.78 -4.31
N PRO D 185 -6.82 4.60 -4.14
CA PRO D 185 -6.96 6.04 -3.87
C PRO D 185 -7.65 6.78 -5.03
N SER D 186 -8.23 7.92 -4.72
CA SER D 186 -8.88 8.74 -5.73
C SER D 186 -8.70 10.23 -5.44
N MET D 187 -9.12 11.06 -6.38
CA MET D 187 -9.05 12.51 -6.26
C MET D 187 -10.21 13.09 -7.06
N SER D 188 -10.88 14.08 -6.49
CA SER D 188 -12.06 14.68 -7.13
C SER D 188 -11.71 15.18 -8.55
N TYR D 189 -12.66 15.07 -9.47
CA TYR D 189 -12.46 15.60 -10.82
C TYR D 189 -12.10 17.07 -10.83
N GLU D 190 -12.79 17.86 -10.01
CA GLU D 190 -12.58 19.32 -9.98
C GLU D 190 -11.13 19.65 -9.64
N MET D 191 -10.55 18.90 -8.70
CA MET D 191 -9.16 19.11 -8.31
C MET D 191 -8.16 18.69 -9.39
N GLU D 192 -8.45 17.58 -10.08
CA GLU D 192 -7.60 17.16 -11.20
C GLU D 192 -7.61 18.19 -12.34
N LEU D 193 -8.77 18.72 -12.68
CA LEU D 193 -8.90 19.76 -13.74
C LEU D 193 -8.06 21.01 -13.42
N GLU D 194 -8.23 21.53 -12.19
CA GLU D 194 -7.40 22.63 -11.70
C GLU D 194 -5.91 22.28 -11.70
N ALA D 195 -5.58 21.02 -11.43
CA ALA D 195 -4.19 20.58 -11.41
C ALA D 195 -3.57 20.45 -12.81
N VAL D 196 -4.38 20.52 -13.85
CA VAL D 196 -3.79 20.68 -15.18
C VAL D 196 -3.75 22.13 -15.70
N LYS D 197 -4.74 22.95 -15.34
CA LYS D 197 -4.71 24.40 -15.58
C LYS D 197 -3.46 25.04 -15.01
N VAL D 198 -3.01 24.56 -13.85
CA VAL D 198 -1.85 25.14 -13.16
C VAL D 198 -0.53 24.96 -13.94
N PRO D 199 -0.19 23.71 -14.35
CA PRO D 199 0.92 23.51 -15.29
C PRO D 199 0.91 24.44 -16.50
N ILE D 200 -0.26 24.74 -17.08
CA ILE D 200 -0.35 25.67 -18.20
C ILE D 200 0.09 27.07 -17.76
N GLU D 201 -0.56 27.59 -16.72
CA GLU D 201 -0.20 28.88 -16.13
C GLU D 201 1.29 29.06 -15.86
N VAL D 202 1.91 28.12 -15.13
CA VAL D 202 3.31 28.32 -14.78
C VAL D 202 4.25 28.11 -15.97
N ALA D 203 3.88 27.20 -16.86
CA ALA D 203 4.57 27.04 -18.14
C ALA D 203 4.48 28.33 -18.98
N LEU D 204 3.29 28.91 -19.09
CA LEU D 204 3.12 30.20 -19.79
C LEU D 204 3.93 31.33 -19.16
N GLU D 205 4.05 31.30 -17.82
CA GLU D 205 4.80 32.30 -17.08
C GLU D 205 6.31 32.13 -17.28
N GLU D 206 6.77 30.87 -17.34
CA GLU D 206 8.21 30.59 -17.50
C GLU D 206 8.72 30.75 -18.93
N LEU D 207 7.79 30.76 -19.88
CA LEU D 207 8.13 31.03 -21.27
C LEU D 207 7.98 32.54 -21.54
N LEU D 208 8.96 33.13 -22.24
CA LEU D 208 9.07 34.59 -22.40
C LEU D 208 8.77 35.38 -21.11
#